data_3KHP
#
_entry.id   3KHP
#
_cell.length_a   64.290
_cell.length_b   135.170
_cell.length_c   162.400
_cell.angle_alpha   90.00
_cell.angle_beta   90.00
_cell.angle_gamma   90.00
#
_symmetry.space_group_name_H-M   'P 21 21 21'
#
loop_
_entity.id
_entity.type
_entity.pdbx_description
1 polymer 'MaoC family protein'
2 non-polymer 'CHLORIDE ION'
3 non-polymer 'L(+)-TARTARIC ACID'
4 water water
#
_entity_poly.entity_id   1
_entity_poly.type   'polypeptide(L)'
_entity_poly.pdbx_seq_one_letter_code
;MAHHHHHHMGTLEAQTQGPGSMAIDPNSIGAVTEPMLFEWTDRDTLLYAIGVGAGTGDLAFTTENSHGIDQQVLPTYAVI
CCPAFGAAAKVGTFNPAALLHGSQGIRLHAPLPAAGKLSVVTEVADIQDKGEGKNAIVVLRGRGCDPESGSLVAETLTTL
VLRGQGGFGGARGERPAAPEFPDRHPDARIDMPTREDQALIYRLSGDRNPLHSDPWFATQLAGFPKPILHGLCTYGVAGR
ALVAELGGGVAANITSIAARFTKPVFPGETLSTVIWRTEPGRAVFRTEVAGSDGAEARVVLDDGAVEYVAG
;
_entity_poly.pdbx_strand_id   A,B,C,D
#
loop_
_chem_comp.id
_chem_comp.type
_chem_comp.name
_chem_comp.formula
CL non-polymer 'CHLORIDE ION' 'Cl -1'
TLA non-polymer 'L(+)-TARTARIC ACID' 'C4 H6 O6'
#
# COMPACT_ATOMS: atom_id res chain seq x y z
N PRO A 19 22.72 24.64 7.34
CA PRO A 19 22.79 24.52 5.86
C PRO A 19 23.43 23.23 5.32
N GLY A 20 24.33 22.61 6.07
CA GLY A 20 24.94 21.32 5.70
C GLY A 20 24.27 20.08 6.27
N SER A 21 23.01 20.21 6.69
CA SER A 21 22.30 19.12 7.32
C SER A 21 21.43 18.42 6.32
N MET A 22 21.32 17.10 6.48
CA MET A 22 20.43 16.34 5.62
C MET A 22 19.04 16.35 6.19
N ALA A 23 18.05 16.60 5.36
CA ALA A 23 16.65 16.59 5.81
C ALA A 23 16.21 15.14 5.90
N ILE A 24 15.82 14.74 7.11
CA ILE A 24 15.40 13.38 7.49
C ILE A 24 14.12 13.48 8.34
N ASP A 25 13.01 12.96 7.83
CA ASP A 25 11.73 13.07 8.52
C ASP A 25 11.60 12.05 9.64
N PRO A 26 11.66 12.48 10.91
CA PRO A 26 11.61 11.48 11.98
C PRO A 26 10.18 10.96 12.19
N ASN A 27 9.22 11.58 11.49
CA ASN A 27 7.83 11.18 11.58
C ASN A 27 7.43 10.18 10.49
N SER A 28 8.38 9.70 9.68
CA SER A 28 8.09 8.91 8.47
C SER A 28 8.20 7.38 8.68
N ILE A 29 8.65 6.96 9.84
CA ILE A 29 8.74 5.53 10.12
C ILE A 29 7.36 4.93 9.88
N GLY A 30 7.29 3.90 9.06
CA GLY A 30 6.01 3.25 8.74
C GLY A 30 5.45 3.72 7.43
N ALA A 31 5.96 4.83 6.89
CA ALA A 31 5.49 5.29 5.56
C ALA A 31 5.77 4.23 4.47
N VAL A 32 4.90 4.16 3.47
CA VAL A 32 4.94 3.06 2.51
C VAL A 32 4.60 3.55 1.13
N THR A 33 5.13 2.85 0.13
CA THR A 33 4.93 3.17 -1.27
C THR A 33 3.78 2.34 -1.79
N GLU A 34 3.22 2.76 -2.90
CA GLU A 34 2.18 1.98 -3.57
C GLU A 34 2.82 0.79 -4.27
N PRO A 35 2.05 -0.28 -4.51
CA PRO A 35 2.64 -1.38 -5.26
C PRO A 35 3.26 -0.92 -6.54
N MET A 36 4.46 -1.39 -6.79
CA MET A 36 5.08 -1.18 -8.08
C MET A 36 5.39 -2.56 -8.65
N LEU A 37 4.97 -2.77 -9.89
CA LEU A 37 5.25 -3.99 -10.65
C LEU A 37 6.72 -4.04 -11.20
N PHE A 38 7.48 -5.05 -10.79
CA PHE A 38 8.77 -5.33 -11.39
CA PHE A 38 8.76 -5.32 -11.46
C PHE A 38 8.65 -6.60 -12.25
N GLU A 39 8.96 -6.47 -13.54
CA GLU A 39 8.90 -7.55 -14.50
C GLU A 39 10.25 -7.76 -15.13
N TRP A 40 10.54 -9.01 -15.45
CA TRP A 40 11.82 -9.38 -16.03
C TRP A 40 11.64 -10.62 -16.91
N THR A 41 12.55 -10.79 -17.88
CA THR A 41 12.58 -11.98 -18.73
C THR A 41 13.88 -12.69 -18.42
N ASP A 42 14.11 -13.83 -19.10
CA ASP A 42 15.29 -14.62 -18.80
C ASP A 42 16.55 -13.87 -19.14
N ARG A 43 16.48 -12.98 -20.10
CA ARG A 43 17.66 -12.18 -20.45
C ARG A 43 18.17 -11.40 -19.24
N ASP A 44 17.25 -10.89 -18.44
CA ASP A 44 17.60 -10.09 -17.28
C ASP A 44 18.31 -10.94 -16.24
N THR A 45 17.84 -12.17 -16.01
CA THR A 45 18.36 -12.96 -14.90
C THR A 45 19.69 -13.58 -15.33
N LEU A 46 19.78 -13.90 -16.63
CA LEU A 46 21.03 -14.32 -17.22
C LEU A 46 22.06 -13.17 -17.12
N LEU A 47 21.66 -11.98 -17.58
CA LEU A 47 22.56 -10.83 -17.55
C LEU A 47 23.06 -10.50 -16.15
N TYR A 48 22.18 -10.69 -15.16
CA TYR A 48 22.51 -10.42 -13.74
C TYR A 48 23.56 -11.44 -13.33
N ALA A 49 23.29 -12.71 -13.59
CA ALA A 49 24.25 -13.77 -13.26
C ALA A 49 25.66 -13.43 -13.81
N ILE A 50 25.77 -13.08 -15.07
CA ILE A 50 27.09 -12.75 -15.65
C ILE A 50 27.61 -11.50 -14.94
N GLY A 51 26.70 -10.58 -14.63
CA GLY A 51 27.01 -9.38 -13.86
C GLY A 51 27.72 -9.67 -12.56
N VAL A 52 27.32 -10.72 -11.85
CA VAL A 52 27.96 -11.06 -10.61
C VAL A 52 28.97 -12.20 -10.79
N GLY A 53 29.38 -12.37 -12.04
CA GLY A 53 30.56 -13.11 -12.36
C GLY A 53 30.39 -14.59 -12.73
N ALA A 54 29.17 -15.06 -12.82
CA ALA A 54 28.86 -16.40 -13.26
C ALA A 54 29.29 -16.52 -14.72
N GLY A 55 29.90 -17.66 -15.07
CA GLY A 55 30.44 -17.90 -16.42
C GLY A 55 30.12 -19.29 -17.00
N THR A 56 31.05 -19.79 -17.80
CA THR A 56 30.93 -21.13 -18.38
C THR A 56 30.94 -22.25 -17.37
N GLY A 57 31.28 -21.97 -16.11
CA GLY A 57 31.43 -22.98 -15.09
C GLY A 57 30.15 -23.32 -14.41
N ASP A 58 29.13 -22.48 -14.62
CA ASP A 58 27.87 -22.74 -13.94
C ASP A 58 26.73 -22.38 -14.84
N LEU A 59 26.48 -23.25 -15.79
CA LEU A 59 25.58 -23.01 -16.88
C LEU A 59 24.12 -22.94 -16.51
N ALA A 60 23.82 -23.42 -15.35
CA ALA A 60 22.49 -23.27 -14.75
C ALA A 60 22.14 -21.81 -14.49
N PHE A 61 23.12 -20.96 -14.25
CA PHE A 61 22.91 -19.52 -14.02
C PHE A 61 23.12 -18.68 -15.25
N THR A 62 23.93 -19.16 -16.22
CA THR A 62 24.23 -18.37 -17.42
C THR A 62 23.61 -18.85 -18.75
N THR A 63 22.82 -19.92 -18.69
CA THR A 63 22.10 -20.41 -19.86
C THR A 63 20.72 -20.94 -19.49
N GLU A 64 19.82 -20.83 -20.45
CA GLU A 64 18.45 -21.30 -20.31
C GLU A 64 18.10 -22.54 -21.12
N ASN A 65 18.93 -22.87 -22.12
CA ASN A 65 18.62 -23.92 -23.10
C ASN A 65 19.71 -24.96 -23.26
N SER A 66 20.50 -25.15 -22.21
CA SER A 66 21.57 -26.11 -22.22
C SER A 66 20.99 -27.46 -21.85
N HIS A 67 21.60 -28.52 -22.39
CA HIS A 67 21.08 -29.88 -22.31
C HIS A 67 21.09 -30.34 -20.86
N GLY A 68 19.92 -30.69 -20.33
CA GLY A 68 19.80 -31.21 -18.96
C GLY A 68 19.97 -30.22 -17.80
N ILE A 69 19.69 -28.95 -18.05
CA ILE A 69 19.95 -27.92 -17.07
C ILE A 69 18.86 -26.87 -17.20
N ASP A 70 18.02 -26.83 -16.18
CA ASP A 70 16.99 -25.77 -16.07
C ASP A 70 17.68 -24.54 -15.53
N GLN A 71 17.36 -23.37 -16.07
CA GLN A 71 17.89 -22.14 -15.49
C GLN A 71 17.47 -22.01 -14.04
N GLN A 72 18.45 -21.70 -13.19
CA GLN A 72 18.23 -21.20 -11.85
C GLN A 72 18.58 -19.68 -11.77
N VAL A 73 17.94 -18.98 -10.83
CA VAL A 73 18.12 -17.53 -10.62
C VAL A 73 18.83 -17.32 -9.31
N LEU A 74 19.87 -16.52 -9.30
CA LEU A 74 20.54 -16.30 -8.02
C LEU A 74 19.61 -15.58 -7.03
N PRO A 75 19.66 -15.97 -5.76
CA PRO A 75 18.66 -15.38 -4.84
C PRO A 75 18.97 -13.91 -4.57
N THR A 76 20.23 -13.52 -4.72
CA THR A 76 20.56 -12.10 -4.60
C THR A 76 19.94 -11.26 -5.69
N TYR A 77 19.36 -11.91 -6.71
CA TYR A 77 18.54 -11.16 -7.68
C TYR A 77 17.36 -10.42 -6.97
N ALA A 78 17.01 -10.77 -5.75
CA ALA A 78 15.96 -10.03 -5.03
C ALA A 78 16.28 -8.53 -4.91
N VAL A 79 17.54 -8.15 -4.91
CA VAL A 79 17.88 -6.75 -4.82
C VAL A 79 17.53 -5.95 -6.07
N ILE A 80 17.32 -6.64 -7.20
CA ILE A 80 16.92 -5.98 -8.41
C ILE A 80 15.43 -6.01 -8.66
N CYS A 81 14.77 -7.15 -8.44
CA CYS A 81 13.30 -7.29 -8.63
C CYS A 81 12.47 -7.00 -7.39
N CYS A 82 13.11 -6.81 -6.25
CA CYS A 82 12.37 -6.46 -5.03
C CYS A 82 13.10 -5.40 -4.20
N PRO A 83 13.48 -4.28 -4.82
CA PRO A 83 14.31 -3.30 -4.14
C PRO A 83 13.53 -2.52 -3.08
N ALA A 84 14.07 -2.39 -1.88
CA ALA A 84 13.46 -1.60 -0.83
C ALA A 84 13.64 -0.08 -1.08
N PHE A 85 14.26 0.27 -2.18
CA PHE A 85 14.73 1.63 -2.41
C PHE A 85 13.66 2.72 -2.42
N GLY A 86 12.53 2.50 -3.08
CA GLY A 86 11.46 3.48 -3.18
C GLY A 86 11.06 4.16 -1.88
N ALA A 87 11.20 3.47 -0.75
CA ALA A 87 10.77 4.00 0.54
C ALA A 87 11.61 5.17 1.05
N ALA A 88 12.82 5.33 0.52
CA ALA A 88 13.74 6.41 0.97
C ALA A 88 13.13 7.78 0.73
N ALA A 89 12.41 7.93 -0.36
CA ALA A 89 11.79 9.20 -0.73
C ALA A 89 10.80 9.71 0.34
N LYS A 90 10.30 8.81 1.18
CA LYS A 90 9.44 9.16 2.30
C LYS A 90 10.19 9.84 3.47
N VAL A 91 11.51 9.61 3.54
CA VAL A 91 12.33 10.00 4.69
C VAL A 91 13.06 11.28 4.39
N GLY A 92 13.66 11.31 3.20
CA GLY A 92 14.33 12.48 2.68
C GLY A 92 14.75 12.27 1.24
N THR A 93 15.76 13.02 0.80
CA THR A 93 16.16 13.01 -0.61
C THR A 93 17.56 12.41 -0.84
N PHE A 94 18.15 11.87 0.20
CA PHE A 94 19.44 11.20 0.09
C PHE A 94 19.38 9.99 -0.87
N ASN A 95 20.53 9.53 -1.32
CA ASN A 95 20.61 8.39 -2.23
C ASN A 95 20.26 7.06 -1.54
N PRO A 96 19.17 6.38 -1.95
CA PRO A 96 18.84 5.13 -1.26
C PRO A 96 19.82 3.99 -1.46
N ALA A 97 20.74 4.11 -2.43
CA ALA A 97 21.65 3.03 -2.83
C ALA A 97 23.12 3.17 -2.37
N ALA A 98 23.46 4.24 -1.64
CA ALA A 98 24.82 4.42 -1.10
C ALA A 98 25.04 3.49 0.10
N LEU A 99 25.52 2.28 -0.16
CA LEU A 99 25.51 1.21 0.84
C LEU A 99 26.71 1.13 1.76
N LEU A 100 27.75 1.91 1.52
CA LEU A 100 28.94 1.87 2.37
C LEU A 100 28.67 2.10 3.85
N HIS A 101 29.21 1.21 4.69
CA HIS A 101 28.94 1.15 6.14
C HIS A 101 27.54 0.63 6.43
N GLY A 102 26.71 0.57 5.39
CA GLY A 102 25.36 0.07 5.50
C GLY A 102 25.32 -1.44 5.34
N SER A 103 24.11 -1.97 5.24
CA SER A 103 23.88 -3.40 5.13
C SER A 103 22.79 -3.71 4.16
N GLN A 104 22.82 -4.94 3.62
CA GLN A 104 21.74 -5.46 2.77
C GLN A 104 21.35 -6.87 3.17
N GLY A 105 20.06 -7.12 3.29
CA GLY A 105 19.54 -8.44 3.60
C GLY A 105 18.51 -8.81 2.56
N ILE A 106 18.41 -10.10 2.26
CA ILE A 106 17.35 -10.57 1.43
C ILE A 106 16.77 -11.81 2.10
N ARG A 107 15.51 -12.10 1.88
CA ARG A 107 14.94 -13.36 2.35
C ARG A 107 14.02 -13.87 1.25
N LEU A 108 14.16 -15.14 0.88
CA LEU A 108 13.34 -15.73 -0.18
C LEU A 108 12.39 -16.76 0.41
N HIS A 109 11.18 -16.83 -0.15
CA HIS A 109 10.14 -17.75 0.28
C HIS A 109 9.76 -18.71 -0.80
N ALA A 110 10.25 -18.43 -2.00
CA ALA A 110 10.14 -19.32 -3.14
C ALA A 110 11.33 -19.05 -4.07
N PRO A 111 11.59 -19.96 -5.00
CA PRO A 111 12.60 -19.64 -6.02
C PRO A 111 12.14 -18.47 -6.88
N LEU A 112 13.08 -17.68 -7.39
CA LEU A 112 12.70 -16.61 -8.28
C LEU A 112 12.70 -17.28 -9.62
N PRO A 113 11.65 -17.09 -10.42
CA PRO A 113 11.65 -17.69 -11.75
C PRO A 113 12.50 -16.89 -12.74
N ALA A 114 13.00 -17.58 -13.75
CA ALA A 114 13.89 -16.98 -14.75
C ALA A 114 13.26 -15.76 -15.38
N ALA A 115 11.95 -15.83 -15.59
CA ALA A 115 11.12 -14.76 -16.10
C ALA A 115 9.91 -14.65 -15.18
N GLY A 116 9.49 -13.43 -14.89
CA GLY A 116 8.30 -13.21 -14.08
C GLY A 116 7.97 -11.77 -13.75
N LYS A 117 7.14 -11.61 -12.74
CA LYS A 117 6.66 -10.33 -12.27
C LYS A 117 6.55 -10.36 -10.75
N LEU A 118 6.82 -9.22 -10.12
CA LEU A 118 6.46 -9.04 -8.71
C LEU A 118 5.81 -7.69 -8.46
N SER A 119 4.89 -7.69 -7.51
CA SER A 119 4.24 -6.53 -6.99
C SER A 119 5.02 -6.19 -5.74
N VAL A 120 5.71 -5.07 -5.77
CA VAL A 120 6.66 -4.72 -4.74
C VAL A 120 6.16 -3.47 -3.99
N VAL A 121 6.13 -3.59 -2.67
CA VAL A 121 5.80 -2.49 -1.78
C VAL A 121 6.97 -2.30 -0.87
N THR A 122 7.31 -1.04 -0.59
CA THR A 122 8.41 -0.74 0.32
C THR A 122 7.98 0.10 1.52
N GLU A 123 8.88 0.21 2.48
CA GLU A 123 8.53 0.76 3.76
C GLU A 123 9.73 1.28 4.54
N VAL A 124 9.53 2.38 5.23
CA VAL A 124 10.53 2.86 6.16
C VAL A 124 10.40 2.02 7.41
N ALA A 125 11.34 1.11 7.61
CA ALA A 125 11.28 0.18 8.71
C ALA A 125 11.71 0.84 9.98
N ASP A 126 12.73 1.68 9.90
CA ASP A 126 13.30 2.25 11.10
C ASP A 126 14.13 3.46 10.73
N ILE A 127 14.16 4.40 11.68
CA ILE A 127 15.02 5.57 11.63
C ILE A 127 15.67 5.77 12.99
N GLN A 128 16.99 5.84 13.01
CA GLN A 128 17.72 5.95 14.23
C GLN A 128 18.54 7.23 14.15
N ASP A 129 18.47 7.99 15.25
CA ASP A 129 19.19 9.24 15.42
C ASP A 129 20.19 9.02 16.56
N LYS A 130 21.48 9.05 16.21
CA LYS A 130 22.51 8.84 17.21
C LYS A 130 23.02 10.16 17.81
N GLY A 131 22.41 11.27 17.37
CA GLY A 131 22.70 12.61 17.91
C GLY A 131 23.42 13.51 16.93
N GLU A 132 23.45 14.81 17.24
CA GLU A 132 24.15 15.82 16.45
C GLU A 132 25.62 15.42 16.36
N GLY A 133 26.20 15.58 15.17
CA GLY A 133 27.57 15.09 14.87
C GLY A 133 27.79 13.58 14.97
N LYS A 134 26.73 12.80 15.05
CA LYS A 134 26.80 11.35 15.00
C LYS A 134 25.95 10.91 13.80
N ASN A 135 25.75 9.61 13.61
CA ASN A 135 25.10 9.17 12.36
C ASN A 135 23.59 9.13 12.48
N ALA A 136 22.94 9.30 11.32
CA ALA A 136 21.60 8.80 11.10
C ALA A 136 21.65 7.41 10.44
N ILE A 137 20.77 6.51 10.90
CA ILE A 137 20.54 5.22 10.29
C ILE A 137 19.11 5.10 9.73
N VAL A 138 18.98 4.76 8.45
CA VAL A 138 17.69 4.60 7.84
C VAL A 138 17.54 3.14 7.33
N VAL A 139 16.41 2.51 7.66
CA VAL A 139 16.17 1.12 7.28
C VAL A 139 14.93 1.01 6.40
N LEU A 140 15.14 0.51 5.18
CA LEU A 140 14.09 0.38 4.19
C LEU A 140 13.83 -1.11 3.95
N ARG A 141 12.57 -1.50 3.81
CA ARG A 141 12.21 -2.89 3.74
C ARG A 141 11.35 -3.06 2.55
N GLY A 142 11.67 -4.07 1.72
CA GLY A 142 10.88 -4.34 0.52
C GLY A 142 10.18 -5.69 0.61
N ARG A 143 9.00 -5.78 0.09
CA ARG A 143 8.23 -7.00 0.08
C ARG A 143 7.70 -7.21 -1.30
N GLY A 144 8.02 -8.35 -1.90
CA GLY A 144 7.55 -8.68 -3.23
C GLY A 144 6.67 -9.91 -3.28
N CYS A 145 5.50 -9.78 -3.89
CA CYS A 145 4.49 -10.83 -3.97
C CYS A 145 4.14 -11.13 -5.42
N ASP A 146 3.78 -12.39 -5.69
CA ASP A 146 3.27 -12.78 -7.01
C ASP A 146 1.94 -12.05 -7.23
N PRO A 147 1.83 -11.25 -8.28
CA PRO A 147 0.60 -10.52 -8.60
C PRO A 147 -0.73 -11.32 -8.61
N GLU A 148 -0.72 -12.56 -9.11
CA GLU A 148 -1.99 -13.28 -9.24
C GLU A 148 -2.38 -13.74 -7.83
N SER A 149 -1.51 -14.53 -7.20
CA SER A 149 -1.82 -15.18 -5.94
C SER A 149 -1.68 -14.30 -4.71
N GLY A 150 -1.00 -13.16 -4.81
CA GLY A 150 -0.68 -12.32 -3.62
C GLY A 150 0.32 -12.93 -2.65
N SER A 151 0.82 -14.13 -2.96
CA SER A 151 1.73 -14.85 -2.08
C SER A 151 3.17 -14.27 -2.02
N LEU A 152 3.79 -14.34 -0.85
CA LEU A 152 5.02 -13.58 -0.60
C LEU A 152 6.21 -14.34 -1.21
N VAL A 153 6.93 -13.71 -2.12
CA VAL A 153 8.05 -14.35 -2.79
C VAL A 153 9.38 -13.96 -2.18
N ALA A 154 9.63 -12.64 -2.07
CA ALA A 154 10.90 -12.10 -1.56
C ALA A 154 10.73 -10.90 -0.57
N GLU A 155 11.70 -10.77 0.33
CA GLU A 155 11.79 -9.62 1.19
C GLU A 155 13.21 -9.04 1.10
N THR A 156 13.33 -7.72 1.25
CA THR A 156 14.64 -7.13 1.26
C THR A 156 14.76 -6.13 2.40
N LEU A 157 15.97 -5.97 2.89
CA LEU A 157 16.23 -4.99 3.90
C LEU A 157 17.50 -4.22 3.56
N THR A 158 17.36 -2.92 3.37
CA THR A 158 18.49 -2.06 3.08
C THR A 158 18.67 -1.08 4.24
N THR A 159 19.82 -1.18 4.88
CA THR A 159 20.21 -0.33 6.00
C THR A 159 21.24 0.69 5.51
N LEU A 160 20.88 1.97 5.61
CA LEU A 160 21.70 3.08 5.15
C LEU A 160 22.32 3.85 6.30
N VAL A 161 23.61 4.12 6.21
CA VAL A 161 24.26 4.95 7.22
C VAL A 161 24.49 6.31 6.60
N LEU A 162 23.88 7.33 7.22
CA LEU A 162 24.05 8.71 6.76
C LEU A 162 25.03 9.41 7.73
N ARG A 163 26.31 9.35 7.35
CA ARG A 163 27.45 9.80 8.15
C ARG A 163 27.25 11.22 8.69
N GLY A 164 27.26 11.36 10.00
CA GLY A 164 27.25 12.69 10.63
C GLY A 164 25.94 13.43 10.57
N GLN A 165 24.88 12.77 10.13
CA GLN A 165 23.61 13.50 9.84
C GLN A 165 22.55 13.35 10.92
N GLY A 166 22.94 12.87 12.08
CA GLY A 166 22.03 12.87 13.22
C GLY A 166 21.65 14.26 13.74
N GLY A 167 20.89 14.26 14.83
CA GLY A 167 20.40 15.51 15.46
C GLY A 167 19.27 16.16 14.69
N PHE A 168 18.30 15.34 14.25
CA PHE A 168 17.15 15.78 13.45
C PHE A 168 15.84 15.53 14.19
N GLY A 169 15.93 15.17 15.48
CA GLY A 169 14.76 14.96 16.31
C GLY A 169 14.20 13.54 16.34
N GLY A 170 15.04 12.55 16.05
CA GLY A 170 14.61 11.16 16.02
C GLY A 170 14.84 10.39 17.32
N ALA A 171 14.42 9.13 17.29
CA ALA A 171 14.61 8.19 18.39
C ALA A 171 16.00 7.52 18.31
N ARG A 172 16.68 7.33 19.44
CA ARG A 172 18.04 6.79 19.42
C ARG A 172 18.09 5.38 18.82
N GLY A 173 17.23 4.50 19.32
CA GLY A 173 17.12 3.12 18.83
C GLY A 173 18.18 2.16 19.36
N GLU A 174 18.22 0.98 18.75
CA GLU A 174 19.22 -0.06 19.08
C GLU A 174 19.87 -0.65 17.81
N ARG A 175 21.20 -0.58 17.73
CA ARG A 175 21.96 -1.30 16.70
C ARG A 175 21.74 -2.79 16.89
N PRO A 176 21.28 -3.51 15.83
CA PRO A 176 21.04 -4.95 15.99
C PRO A 176 22.32 -5.69 16.33
N ALA A 177 22.18 -6.82 17.03
CA ALA A 177 23.32 -7.64 17.43
C ALA A 177 24.09 -8.12 16.20
N ALA A 178 25.42 -7.93 16.23
CA ALA A 178 26.30 -8.47 15.20
C ALA A 178 26.32 -10.00 15.37
N PRO A 179 26.48 -10.76 14.26
CA PRO A 179 26.58 -12.20 14.39
C PRO A 179 27.86 -12.62 15.09
N GLU A 180 27.76 -13.73 15.82
CA GLU A 180 28.87 -14.37 16.53
C GLU A 180 29.69 -15.16 15.50
N PHE A 181 30.98 -14.86 15.45
CA PHE A 181 31.92 -15.59 14.61
C PHE A 181 32.70 -16.51 15.52
N PRO A 182 32.57 -17.82 15.31
CA PRO A 182 33.30 -18.81 16.09
C PRO A 182 34.77 -18.52 16.11
N ASP A 183 35.41 -18.84 17.23
CA ASP A 183 36.85 -18.65 17.35
C ASP A 183 37.54 -19.92 16.87
N ARG A 184 37.63 -20.03 15.54
CA ARG A 184 38.36 -21.09 14.84
C ARG A 184 38.56 -20.70 13.39
N HIS A 185 39.24 -21.56 12.65
CA HIS A 185 39.44 -21.33 11.22
C HIS A 185 38.11 -21.50 10.51
N PRO A 186 37.91 -20.75 9.42
CA PRO A 186 36.70 -20.96 8.63
C PRO A 186 36.57 -22.41 8.13
N ASP A 187 35.34 -22.88 8.05
CA ASP A 187 35.05 -24.18 7.48
C ASP A 187 35.33 -24.19 5.97
N ALA A 188 35.23 -23.04 5.32
CA ALA A 188 35.42 -23.00 3.87
C ALA A 188 35.81 -21.60 3.42
N ARG A 189 36.73 -21.56 2.45
CA ARG A 189 37.15 -20.34 1.81
CA ARG A 189 37.14 -20.34 1.80
C ARG A 189 36.92 -20.49 0.31
N ILE A 190 35.99 -19.69 -0.23
CA ILE A 190 35.65 -19.72 -1.63
C ILE A 190 36.12 -18.43 -2.29
N ASP A 191 37.16 -18.54 -3.11
CA ASP A 191 37.65 -17.45 -3.91
C ASP A 191 36.85 -17.28 -5.19
N MET A 192 36.47 -16.05 -5.48
CA MET A 192 35.79 -15.75 -6.72
C MET A 192 36.47 -14.54 -7.35
N PRO A 193 37.01 -14.72 -8.52
CA PRO A 193 37.66 -13.57 -9.14
C PRO A 193 36.63 -12.63 -9.71
N THR A 194 37.03 -11.40 -9.98
CA THR A 194 36.17 -10.48 -10.67
C THR A 194 36.95 -9.91 -11.81
N ARG A 195 36.24 -9.38 -12.78
CA ARG A 195 36.87 -8.82 -13.96
C ARG A 195 37.01 -7.31 -13.85
N GLU A 196 38.09 -6.84 -14.45
CA GLU A 196 38.43 -5.46 -14.57
C GLU A 196 37.29 -4.66 -15.21
N ASP A 197 36.56 -5.28 -16.12
CA ASP A 197 35.40 -4.66 -16.74
C ASP A 197 34.08 -5.09 -16.14
N GLN A 198 34.08 -5.70 -14.96
CA GLN A 198 32.85 -6.29 -14.47
C GLN A 198 31.73 -5.27 -14.18
N ALA A 199 32.06 -4.10 -13.70
CA ALA A 199 31.05 -3.12 -13.38
C ALA A 199 30.28 -2.69 -14.64
N LEU A 200 30.96 -2.69 -15.79
CA LEU A 200 30.32 -2.36 -17.06
C LEU A 200 29.23 -3.32 -17.45
N ILE A 201 29.32 -4.60 -17.05
CA ILE A 201 28.18 -5.49 -17.31
C ILE A 201 27.20 -5.42 -16.14
N TYR A 202 27.74 -5.37 -14.93
CA TYR A 202 26.88 -5.37 -13.76
C TYR A 202 25.87 -4.19 -13.75
N ARG A 203 26.30 -3.05 -14.29
CA ARG A 203 25.48 -1.83 -14.35
C ARG A 203 24.29 -1.96 -15.29
N LEU A 204 24.31 -2.99 -16.13
CA LEU A 204 23.21 -3.20 -17.04
C LEU A 204 22.13 -4.04 -16.37
N SER A 205 22.29 -4.34 -15.08
CA SER A 205 21.14 -4.77 -14.30
C SER A 205 20.44 -3.55 -13.63
N GLY A 206 20.88 -2.32 -13.93
CA GLY A 206 20.09 -1.10 -13.63
C GLY A 206 20.83 0.05 -12.96
N ASP A 207 21.89 -0.22 -12.21
CA ASP A 207 22.57 0.85 -11.48
C ASP A 207 23.69 1.48 -12.33
N ARG A 208 23.29 2.55 -13.01
CA ARG A 208 24.15 3.27 -13.99
C ARG A 208 25.03 4.34 -13.36
N ASN A 209 25.05 4.40 -12.03
CA ASN A 209 25.78 5.44 -11.32
C ASN A 209 27.24 5.46 -11.78
N PRO A 210 27.75 6.61 -12.21
CA PRO A 210 29.07 6.61 -12.84
C PRO A 210 30.23 6.43 -11.89
N LEU A 211 29.98 6.43 -10.62
CA LEU A 211 30.98 6.01 -9.65
C LEU A 211 31.60 4.63 -10.05
N HIS A 212 30.82 3.78 -10.70
CA HIS A 212 31.30 2.45 -11.02
C HIS A 212 31.82 2.29 -12.44
N SER A 213 31.65 3.31 -13.30
CA SER A 213 31.95 3.18 -14.73
C SER A 213 32.80 4.28 -15.40
N ASP A 214 32.95 5.43 -14.75
CA ASP A 214 33.64 6.58 -15.32
C ASP A 214 34.79 6.98 -14.43
N PRO A 215 36.01 6.80 -14.89
CA PRO A 215 37.17 7.15 -14.06
C PRO A 215 37.18 8.63 -13.71
N TRP A 216 36.69 9.46 -14.63
CA TRP A 216 36.64 10.89 -14.35
C TRP A 216 35.84 11.13 -13.09
N PHE A 217 34.61 10.61 -13.09
CA PHE A 217 33.71 10.81 -12.01
C PHE A 217 34.21 10.18 -10.72
N ALA A 218 34.70 8.95 -10.84
CA ALA A 218 35.11 8.17 -9.72
C ALA A 218 36.15 8.96 -8.97
N THR A 219 37.06 9.59 -9.69
CA THR A 219 38.12 10.36 -9.04
C THR A 219 37.75 11.84 -8.69
N GLN A 220 37.10 12.54 -9.61
CA GLN A 220 36.89 13.96 -9.49
C GLN A 220 35.78 14.30 -8.49
N LEU A 221 34.76 13.47 -8.42
CA LEU A 221 33.70 13.64 -7.43
C LEU A 221 33.78 12.73 -6.23
N ALA A 222 34.33 11.52 -6.39
CA ALA A 222 34.27 10.52 -5.29
C ALA A 222 35.64 10.22 -4.68
N GLY A 223 36.72 10.56 -5.36
CA GLY A 223 38.04 10.53 -4.72
C GLY A 223 38.85 9.24 -4.83
N PHE A 224 38.41 8.31 -5.73
CA PHE A 224 39.01 7.00 -5.87
C PHE A 224 39.95 6.96 -7.06
N PRO A 225 41.00 6.13 -6.99
CA PRO A 225 41.94 6.04 -8.08
C PRO A 225 41.30 5.57 -9.36
N LYS A 226 40.29 4.71 -9.18
CA LYS A 226 39.50 4.19 -10.25
C LYS A 226 38.06 3.83 -9.81
N PRO A 227 37.18 3.65 -10.78
CA PRO A 227 35.81 3.34 -10.38
C PRO A 227 35.73 2.12 -9.47
N ILE A 228 34.79 2.11 -8.53
CA ILE A 228 34.70 1.00 -7.60
C ILE A 228 33.61 0.07 -8.10
N LEU A 229 33.74 -1.21 -7.80
CA LEU A 229 32.69 -2.14 -8.11
C LEU A 229 31.45 -1.82 -7.26
N HIS A 230 30.28 -2.03 -7.82
CA HIS A 230 29.01 -1.88 -7.09
C HIS A 230 29.05 -2.77 -5.87
N GLY A 231 28.67 -2.22 -4.68
CA GLY A 231 28.51 -3.03 -3.46
C GLY A 231 27.58 -4.24 -3.66
N LEU A 232 26.48 -4.03 -4.36
CA LEU A 232 25.57 -5.13 -4.62
C LEU A 232 26.19 -6.20 -5.54
N CYS A 233 27.19 -5.83 -6.34
CA CYS A 233 27.85 -6.80 -7.18
C CYS A 233 28.68 -7.73 -6.28
N THR A 234 29.50 -7.14 -5.42
CA THR A 234 30.20 -7.85 -4.37
C THR A 234 29.29 -8.80 -3.58
N TYR A 235 28.14 -8.30 -3.21
CA TYR A 235 27.15 -9.08 -2.48
C TYR A 235 26.65 -10.27 -3.31
N GLY A 236 26.38 -10.05 -4.59
CA GLY A 236 26.04 -11.15 -5.51
C GLY A 236 27.17 -12.17 -5.68
N VAL A 237 28.42 -11.71 -5.64
CA VAL A 237 29.55 -12.61 -5.79
C VAL A 237 29.65 -13.51 -4.55
N ALA A 238 29.61 -12.88 -3.37
CA ALA A 238 29.57 -13.66 -2.13
C ALA A 238 28.37 -14.60 -2.18
N GLY A 239 27.25 -14.13 -2.75
CA GLY A 239 26.05 -14.96 -2.88
C GLY A 239 26.26 -16.24 -3.71
N ARG A 240 27.07 -16.14 -4.76
CA ARG A 240 27.41 -17.29 -5.59
C ARG A 240 28.26 -18.26 -4.80
N ALA A 241 29.23 -17.72 -4.06
CA ALA A 241 30.06 -18.57 -3.21
C ALA A 241 29.18 -19.32 -2.18
N LEU A 242 28.13 -18.69 -1.68
CA LEU A 242 27.33 -19.33 -0.65
C LEU A 242 26.42 -20.39 -1.25
N VAL A 243 25.85 -20.09 -2.42
CA VAL A 243 25.09 -21.05 -3.16
C VAL A 243 25.87 -22.33 -3.45
N ALA A 244 27.15 -22.18 -3.83
CA ALA A 244 27.99 -23.33 -4.09
C ALA A 244 28.30 -24.13 -2.82
N GLU A 245 28.84 -23.45 -1.82
CA GLU A 245 29.38 -24.14 -0.65
C GLU A 245 28.32 -24.73 0.29
N LEU A 246 27.27 -23.95 0.56
CA LEU A 246 26.21 -24.27 1.52
C LEU A 246 24.93 -24.73 0.86
N GLY A 247 24.66 -24.24 -0.33
CA GLY A 247 23.42 -24.62 -1.01
C GLY A 247 23.57 -25.78 -2.00
N GLY A 248 24.78 -26.29 -2.14
CA GLY A 248 25.03 -27.42 -2.99
C GLY A 248 24.84 -27.06 -4.43
N GLY A 249 25.05 -25.77 -4.73
CA GLY A 249 24.88 -25.25 -6.07
C GLY A 249 23.44 -25.10 -6.44
N VAL A 250 22.53 -25.26 -5.47
CA VAL A 250 21.12 -25.07 -5.73
C VAL A 250 20.65 -23.72 -5.17
N ALA A 251 20.34 -22.80 -6.07
CA ALA A 251 19.87 -21.45 -5.70
C ALA A 251 18.80 -21.48 -4.61
N ALA A 252 17.70 -22.18 -4.89
CA ALA A 252 16.57 -22.37 -3.97
C ALA A 252 16.95 -22.76 -2.54
N ASN A 253 18.08 -23.44 -2.34
CA ASN A 253 18.51 -23.83 -1.00
C ASN A 253 19.08 -22.71 -0.13
N ILE A 254 19.28 -21.51 -0.70
CA ILE A 254 19.63 -20.35 0.15
C ILE A 254 18.39 -19.53 0.45
N THR A 255 18.08 -19.42 1.73
CA THR A 255 16.85 -18.76 2.20
C THR A 255 17.06 -17.26 2.48
N SER A 256 18.09 -16.93 3.25
CA SER A 256 18.38 -15.53 3.55
C SER A 256 19.87 -15.28 3.51
N ILE A 257 20.26 -14.04 3.19
CA ILE A 257 21.64 -13.57 3.25
C ILE A 257 21.66 -12.10 3.69
N ALA A 258 22.54 -11.77 4.63
CA ALA A 258 22.68 -10.42 5.12
C ALA A 258 24.14 -10.14 5.26
N ALA A 259 24.54 -8.91 4.94
CA ALA A 259 25.91 -8.52 5.19
C ALA A 259 26.04 -6.99 5.30
N ARG A 260 27.13 -6.58 5.94
CA ARG A 260 27.51 -5.19 6.09
C ARG A 260 28.65 -4.80 5.16
N PHE A 261 28.51 -3.70 4.41
CA PHE A 261 29.52 -3.23 3.49
C PHE A 261 30.56 -2.37 4.19
N THR A 262 31.79 -2.87 4.29
CA THR A 262 32.78 -2.22 5.13
C THR A 262 33.79 -1.39 4.36
N LYS A 263 34.24 -1.92 3.23
CA LYS A 263 35.19 -1.24 2.38
C LYS A 263 34.93 -1.49 0.90
N PRO A 264 35.38 -0.57 0.05
CA PRO A 264 35.11 -0.71 -1.37
C PRO A 264 35.94 -1.79 -2.03
N VAL A 265 35.45 -2.26 -3.17
CA VAL A 265 36.16 -3.23 -4.00
C VAL A 265 36.47 -2.62 -5.34
N PHE A 266 37.61 -2.97 -5.93
CA PHE A 266 37.83 -2.51 -7.29
C PHE A 266 37.62 -3.65 -8.27
N PRO A 267 37.01 -3.38 -9.43
CA PRO A 267 36.84 -4.52 -10.36
C PRO A 267 38.20 -5.07 -10.76
N GLY A 268 38.30 -6.40 -10.76
CA GLY A 268 39.57 -7.10 -11.03
C GLY A 268 40.09 -7.78 -9.79
N GLU A 269 39.64 -7.34 -8.62
CA GLU A 269 40.11 -7.94 -7.35
C GLU A 269 39.38 -9.25 -7.10
N THR A 270 40.03 -10.14 -6.39
CA THR A 270 39.49 -11.44 -6.10
C THR A 270 38.84 -11.40 -4.77
N LEU A 271 37.59 -11.84 -4.73
CA LEU A 271 36.81 -11.86 -3.53
C LEU A 271 36.83 -13.25 -2.83
N SER A 272 37.43 -13.30 -1.63
CA SER A 272 37.44 -14.52 -0.78
C SER A 272 36.35 -14.53 0.26
N THR A 273 35.39 -15.43 0.11
CA THR A 273 34.32 -15.55 1.05
C THR A 273 34.61 -16.69 2.04
N VAL A 274 34.81 -16.30 3.29
CA VAL A 274 35.13 -17.22 4.38
C VAL A 274 33.89 -17.52 5.18
N ILE A 275 33.62 -18.79 5.36
CA ILE A 275 32.35 -19.25 5.85
C ILE A 275 32.56 -20.13 7.08
N TRP A 276 31.60 -20.07 8.01
CA TRP A 276 31.61 -20.89 9.21
C TRP A 276 30.23 -21.45 9.36
N ARG A 277 30.10 -22.78 9.31
CA ARG A 277 28.83 -23.44 9.62
CA ARG A 277 28.83 -23.44 9.62
C ARG A 277 28.62 -23.38 11.13
N THR A 278 27.50 -22.85 11.55
CA THR A 278 27.30 -22.66 12.98
C THR A 278 26.26 -23.59 13.56
N GLU A 279 25.22 -23.90 12.82
CA GLU A 279 24.07 -24.56 13.40
C GLU A 279 23.32 -25.09 12.22
N PRO A 280 22.76 -26.30 12.31
CA PRO A 280 22.11 -26.77 11.10
C PRO A 280 21.32 -25.64 10.45
N GLY A 281 21.56 -25.45 9.16
CA GLY A 281 20.83 -24.47 8.36
C GLY A 281 21.25 -23.03 8.54
N ARG A 282 22.37 -22.79 9.22
CA ARG A 282 22.81 -21.44 9.52
C ARG A 282 24.29 -21.33 9.37
N ALA A 283 24.75 -20.18 8.91
CA ALA A 283 26.17 -19.96 8.85
C ALA A 283 26.44 -18.47 8.95
N VAL A 284 27.71 -18.13 9.18
CA VAL A 284 28.15 -16.76 9.15
C VAL A 284 29.31 -16.65 8.19
N PHE A 285 29.59 -15.44 7.72
CA PHE A 285 30.67 -15.25 6.76
C PHE A 285 31.24 -13.85 6.68
N ARG A 286 32.40 -13.76 6.06
CA ARG A 286 32.94 -12.50 5.58
C ARG A 286 33.41 -12.69 4.18
N THR A 287 33.49 -11.58 3.44
CA THR A 287 34.21 -11.53 2.19
C THR A 287 35.37 -10.55 2.31
N GLU A 288 36.54 -10.90 1.78
CA GLU A 288 37.75 -10.11 1.90
C GLU A 288 38.49 -10.13 0.59
N VAL A 289 39.44 -9.22 0.46
CA VAL A 289 40.38 -9.23 -0.64
C VAL A 289 41.76 -9.43 -0.05
N ALA A 290 42.39 -10.56 -0.36
CA ALA A 290 43.72 -10.89 0.16
C ALA A 290 44.66 -9.75 -0.15
N GLY A 291 45.49 -9.36 0.82
CA GLY A 291 46.38 -8.17 0.67
C GLY A 291 47.61 -8.40 -0.21
N GLU A 296 48.13 -8.14 4.73
CA GLU A 296 46.88 -8.24 5.52
C GLU A 296 45.59 -8.01 4.67
N ALA A 297 44.59 -8.83 4.93
CA ALA A 297 43.38 -8.86 4.13
C ALA A 297 42.48 -7.67 4.44
N ARG A 298 41.79 -7.16 3.43
CA ARG A 298 40.84 -6.07 3.58
C ARG A 298 39.47 -6.73 3.67
N VAL A 299 38.76 -6.54 4.78
CA VAL A 299 37.43 -7.10 4.85
C VAL A 299 36.50 -6.17 4.08
N VAL A 300 35.73 -6.70 3.14
CA VAL A 300 34.80 -5.83 2.36
C VAL A 300 33.35 -6.10 2.66
N LEU A 301 33.01 -7.33 3.07
CA LEU A 301 31.70 -7.67 3.62
C LEU A 301 31.92 -8.32 4.97
N ASP A 302 31.21 -7.82 5.97
CA ASP A 302 31.38 -8.28 7.32
C ASP A 302 29.99 -8.62 7.82
N ASP A 303 29.99 -9.25 8.99
CA ASP A 303 28.78 -9.65 9.67
C ASP A 303 27.83 -10.42 8.78
N GLY A 304 28.38 -11.29 7.94
CA GLY A 304 27.55 -12.10 7.05
C GLY A 304 26.81 -13.17 7.81
N ALA A 305 25.54 -13.38 7.45
CA ALA A 305 24.67 -14.34 8.09
C ALA A 305 23.86 -15.01 7.01
N VAL A 306 23.74 -16.32 7.07
CA VAL A 306 23.10 -17.07 6.01
C VAL A 306 22.18 -18.08 6.62
N GLU A 307 21.01 -18.22 6.05
CA GLU A 307 20.13 -19.33 6.38
C GLU A 307 19.98 -20.15 5.10
N TYR A 308 20.03 -21.46 5.25
CA TYR A 308 19.98 -22.37 4.11
C TYR A 308 19.37 -23.73 4.48
N VAL A 309 18.83 -24.40 3.46
CA VAL A 309 18.25 -25.72 3.61
C VAL A 309 19.33 -26.75 3.31
N ALA A 310 19.57 -27.67 4.25
CA ALA A 310 20.49 -28.81 4.01
C ALA A 310 19.94 -29.80 2.96
N SER B 21 -2.21 -22.51 3.28
CA SER B 21 -2.24 -21.04 3.64
C SER B 21 -2.30 -20.95 5.18
N MET B 22 -1.34 -20.24 5.76
CA MET B 22 -1.21 -20.25 7.22
C MET B 22 -2.31 -19.40 7.90
N ALA B 23 -2.80 -19.90 9.03
CA ALA B 23 -3.79 -19.19 9.81
C ALA B 23 -3.11 -17.90 10.37
N ILE B 24 -1.87 -18.06 10.86
CA ILE B 24 -1.02 -16.97 11.32
C ILE B 24 0.38 -17.10 10.73
N ASP B 25 0.65 -16.26 9.77
CA ASP B 25 1.84 -16.33 8.97
C ASP B 25 2.92 -15.44 9.52
N PRO B 26 3.98 -16.04 10.08
CA PRO B 26 5.05 -15.21 10.63
C PRO B 26 5.70 -14.32 9.57
N ASN B 27 5.52 -14.67 8.30
CA ASN B 27 6.09 -13.88 7.23
C ASN B 27 5.28 -12.66 6.89
N SER B 28 4.14 -12.46 7.56
CA SER B 28 3.30 -11.31 7.29
C SER B 28 3.69 -10.06 8.07
N ILE B 29 4.73 -10.12 8.89
CA ILE B 29 5.29 -8.90 9.46
C ILE B 29 5.76 -7.96 8.36
N GLY B 30 5.19 -6.75 8.33
CA GLY B 30 5.52 -5.72 7.36
C GLY B 30 4.47 -5.57 6.28
N ALA B 31 3.51 -6.48 6.20
CA ALA B 31 2.40 -6.35 5.24
C ALA B 31 1.53 -5.14 5.61
N VAL B 32 0.98 -4.48 4.58
CA VAL B 32 0.33 -3.20 4.73
C VAL B 32 -0.89 -3.10 3.83
N THR B 33 -1.81 -2.22 4.20
CA THR B 33 -3.02 -2.00 3.43
C THR B 33 -2.85 -0.81 2.48
N GLU B 34 -3.68 -0.75 1.44
CA GLU B 34 -3.84 0.47 0.62
C GLU B 34 -4.37 1.59 1.52
N PRO B 35 -3.97 2.84 1.23
CA PRO B 35 -4.52 4.00 1.90
C PRO B 35 -6.02 3.94 1.88
N MET B 36 -6.60 4.14 3.04
CA MET B 36 -8.04 4.29 3.14
C MET B 36 -8.28 5.75 3.57
N LEU B 37 -9.18 6.44 2.88
CA LEU B 37 -9.58 7.80 3.27
C LEU B 37 -10.74 7.75 4.27
N PHE B 38 -10.48 8.18 5.50
CA PHE B 38 -11.52 8.27 6.53
C PHE B 38 -11.99 9.72 6.66
N GLU B 39 -13.27 9.93 6.41
CA GLU B 39 -13.90 11.25 6.33
C GLU B 39 -14.96 11.29 7.40
N TRP B 40 -15.03 12.38 8.13
CA TRP B 40 -16.02 12.52 9.17
C TRP B 40 -16.49 13.94 9.27
N THR B 41 -17.69 14.10 9.82
CA THR B 41 -18.30 15.40 10.06
C THR B 41 -18.54 15.55 11.54
N ASP B 42 -19.06 16.69 11.96
CA ASP B 42 -19.21 16.87 13.40
C ASP B 42 -20.22 15.88 13.97
N ARG B 43 -21.19 15.47 13.18
CA ARG B 43 -22.09 14.45 13.58
C ARG B 43 -21.35 13.23 14.15
N ASP B 44 -20.28 12.81 13.48
CA ASP B 44 -19.55 11.62 13.87
C ASP B 44 -18.82 11.79 15.17
N THR B 45 -18.18 12.95 15.34
CA THR B 45 -17.40 13.19 16.54
C THR B 45 -18.30 13.44 17.76
N LEU B 46 -19.41 14.15 17.55
CA LEU B 46 -20.46 14.27 18.58
C LEU B 46 -21.06 12.91 18.96
N LEU B 47 -21.47 12.14 17.98
CA LEU B 47 -21.98 10.78 18.22
C LEU B 47 -21.00 9.88 18.99
N TYR B 48 -19.70 9.96 18.69
CA TYR B 48 -18.70 9.17 19.41
C TYR B 48 -18.64 9.55 20.89
N ALA B 49 -18.57 10.85 21.10
CA ALA B 49 -18.57 11.45 22.41
C ALA B 49 -19.73 10.90 23.19
N ILE B 50 -20.94 10.91 22.59
CA ILE B 50 -22.10 10.36 23.30
C ILE B 50 -21.95 8.85 23.51
N GLY B 51 -21.42 8.17 22.50
CA GLY B 51 -21.10 6.74 22.63
C GLY B 51 -20.25 6.38 23.82
N VAL B 52 -19.29 7.24 24.16
CA VAL B 52 -18.44 7.00 25.32
C VAL B 52 -18.94 7.76 26.54
N GLY B 53 -20.22 8.10 26.52
CA GLY B 53 -20.85 8.53 27.75
C GLY B 53 -20.86 10.03 28.03
N ALA B 54 -20.25 10.88 27.17
CA ALA B 54 -20.35 12.37 27.32
C ALA B 54 -21.81 12.84 27.19
N GLY B 55 -22.21 13.83 27.98
CA GLY B 55 -23.59 14.33 28.04
C GLY B 55 -23.71 15.86 28.24
N THR B 56 -24.74 16.26 28.96
CA THR B 56 -25.07 17.67 29.14
C THR B 56 -24.02 18.36 30.01
N GLY B 57 -23.15 17.61 30.68
CA GLY B 57 -22.16 18.17 31.54
C GLY B 57 -20.85 18.57 30.90
N ASP B 58 -20.61 18.17 29.66
CA ASP B 58 -19.41 18.61 28.93
C ASP B 58 -19.83 18.88 27.53
N LEU B 59 -20.40 20.08 27.36
CA LEU B 59 -20.97 20.51 26.11
C LEU B 59 -19.93 20.79 25.02
N ALA B 60 -18.70 20.95 25.43
CA ALA B 60 -17.64 21.09 24.47
C ALA B 60 -17.51 19.79 23.69
N PHE B 61 -17.90 18.66 24.27
CA PHE B 61 -17.80 17.39 23.50
C PHE B 61 -19.07 16.91 22.80
N THR B 62 -20.24 17.37 23.26
CA THR B 62 -21.52 16.88 22.77
C THR B 62 -22.31 17.90 22.00
N THR B 63 -21.81 19.14 21.87
CA THR B 63 -22.44 20.14 21.03
C THR B 63 -21.44 20.96 20.26
N GLU B 64 -21.86 21.47 19.11
CA GLU B 64 -20.96 22.24 18.25
C GLU B 64 -21.26 23.74 18.22
N ASN B 65 -22.46 24.13 18.66
CA ASN B 65 -22.94 25.49 18.47
C ASN B 65 -23.52 26.10 19.72
N SER B 66 -23.10 25.58 20.87
CA SER B 66 -23.41 26.17 22.14
C SER B 66 -22.64 27.47 22.36
N HIS B 67 -23.22 28.33 23.19
CA HIS B 67 -22.68 29.67 23.40
C HIS B 67 -21.35 29.63 24.13
N GLY B 68 -20.35 30.28 23.57
CA GLY B 68 -19.04 30.38 24.22
C GLY B 68 -18.18 29.11 24.20
N ILE B 69 -18.52 28.12 23.38
CA ILE B 69 -17.91 26.79 23.48
C ILE B 69 -17.62 26.18 22.11
N ASP B 70 -16.34 26.05 21.78
CA ASP B 70 -15.99 25.36 20.53
C ASP B 70 -16.06 23.84 20.78
N GLN B 71 -16.47 23.11 19.75
CA GLN B 71 -16.42 21.68 19.88
C GLN B 71 -14.98 21.22 19.98
N GLN B 72 -14.74 20.32 20.92
CA GLN B 72 -13.49 19.54 21.01
C GLN B 72 -13.70 18.05 20.70
N VAL B 73 -12.68 17.38 20.16
CA VAL B 73 -12.78 15.94 19.86
C VAL B 73 -12.00 15.15 20.87
N LEU B 74 -12.62 14.17 21.50
CA LEU B 74 -11.89 13.31 22.41
C LEU B 74 -10.76 12.56 21.65
N PRO B 75 -9.59 12.48 22.26
CA PRO B 75 -8.43 11.98 21.52
C PRO B 75 -8.53 10.46 21.21
N THR B 76 -9.27 9.70 22.01
CA THR B 76 -9.52 8.31 21.67
C THR B 76 -10.34 8.14 20.40
N TYR B 77 -10.86 9.24 19.82
CA TYR B 77 -11.54 9.13 18.51
C TYR B 77 -10.54 8.64 17.42
N ALA B 78 -9.24 8.63 17.71
CA ALA B 78 -8.23 8.05 16.79
C ALA B 78 -8.51 6.59 16.45
N VAL B 79 -9.17 5.87 17.37
CA VAL B 79 -9.55 4.46 17.11
C VAL B 79 -10.64 4.29 16.12
N ILE B 80 -11.38 5.36 15.84
CA ILE B 80 -12.40 5.33 14.77
C ILE B 80 -11.86 5.83 13.42
N CYS B 81 -11.21 7.00 13.44
CA CYS B 81 -10.69 7.61 12.20
C CYS B 81 -9.27 7.17 11.84
N CYS B 82 -8.59 6.44 12.71
CA CYS B 82 -7.30 5.85 12.33
C CYS B 82 -7.17 4.41 12.84
N PRO B 83 -8.10 3.55 12.40
CA PRO B 83 -8.20 2.18 12.90
C PRO B 83 -7.06 1.27 12.39
N ALA B 84 -6.34 0.63 13.29
CA ALA B 84 -5.33 -0.33 12.90
C ALA B 84 -5.89 -1.70 12.45
N PHE B 85 -7.15 -1.98 12.76
CA PHE B 85 -7.76 -3.29 12.49
C PHE B 85 -7.75 -3.73 11.01
N GLY B 86 -7.58 -2.80 10.07
CA GLY B 86 -7.45 -3.17 8.65
C GLY B 86 -6.35 -4.21 8.42
N ALA B 87 -5.30 -4.16 9.22
CA ALA B 87 -4.13 -5.01 9.04
C ALA B 87 -4.39 -6.46 9.50
N ALA B 88 -5.53 -6.67 10.16
CA ALA B 88 -5.84 -7.99 10.71
C ALA B 88 -6.06 -9.00 9.59
N ALA B 89 -6.57 -8.54 8.45
CA ALA B 89 -6.81 -9.42 7.32
C ALA B 89 -5.50 -9.96 6.74
N LYS B 90 -4.41 -9.22 6.91
CA LYS B 90 -3.09 -9.52 6.30
C LYS B 90 -2.26 -10.50 7.12
N VAL B 91 -2.77 -10.95 8.25
CA VAL B 91 -1.96 -11.72 9.17
C VAL B 91 -1.90 -13.17 8.68
N GLY B 92 -2.80 -13.53 7.75
CA GLY B 92 -3.08 -14.90 7.38
C GLY B 92 -4.57 -15.10 7.16
N THR B 93 -5.05 -16.32 7.35
CA THR B 93 -6.47 -16.60 7.18
C THR B 93 -7.27 -16.30 8.46
N PHE B 94 -6.59 -16.20 9.58
CA PHE B 94 -7.30 -16.28 10.85
C PHE B 94 -8.32 -15.14 11.09
N ASN B 95 -7.93 -13.90 10.80
CA ASN B 95 -8.81 -12.73 10.94
C ASN B 95 -9.17 -12.48 12.39
N PRO B 96 -8.15 -12.29 13.23
CA PRO B 96 -8.39 -12.09 14.65
C PRO B 96 -9.12 -10.72 14.88
N ALA B 97 -10.01 -10.67 15.89
CA ALA B 97 -10.72 -9.42 16.23
C ALA B 97 -10.81 -9.11 17.75
N ALA B 98 -10.89 -10.12 18.59
CA ALA B 98 -11.14 -9.92 20.01
C ALA B 98 -10.04 -9.12 20.72
N LEU B 99 -10.45 -8.09 21.46
CA LEU B 99 -9.57 -7.22 22.22
C LEU B 99 -9.34 -7.70 23.61
N LEU B 100 -10.15 -8.65 24.09
CA LEU B 100 -9.92 -9.16 25.42
C LEU B 100 -8.47 -9.66 25.57
N HIS B 101 -7.83 -9.22 26.65
CA HIS B 101 -6.43 -9.48 27.00
C HIS B 101 -5.44 -8.75 26.12
N GLY B 102 -5.97 -8.10 25.09
CA GLY B 102 -5.20 -7.23 24.23
C GLY B 102 -4.98 -5.82 24.80
N SER B 103 -4.54 -4.91 23.95
CA SER B 103 -4.18 -3.57 24.35
C SER B 103 -4.46 -2.57 23.23
N GLN B 104 -4.69 -1.32 23.62
CA GLN B 104 -4.85 -0.24 22.67
C GLN B 104 -4.05 0.99 23.04
N GLY B 105 -3.46 1.59 22.03
CA GLY B 105 -2.71 2.81 22.16
C GLY B 105 -3.07 3.80 21.08
N ILE B 106 -3.11 5.07 21.47
CA ILE B 106 -3.22 6.14 20.51
C ILE B 106 -2.14 7.17 20.79
N ARG B 107 -1.67 7.81 19.72
CA ARG B 107 -0.71 8.91 19.83
C ARG B 107 -1.12 9.96 18.81
N LEU B 108 -1.38 11.18 19.27
CA LEU B 108 -1.74 12.28 18.37
C LEU B 108 -0.54 13.23 18.28
N HIS B 109 -0.29 13.70 17.07
CA HIS B 109 0.67 14.76 16.80
C HIS B 109 -0.04 16.08 16.52
N ALA B 110 -1.37 16.04 16.44
CA ALA B 110 -2.15 17.25 16.35
C ALA B 110 -3.55 16.96 16.87
N PRO B 111 -4.24 17.98 17.39
CA PRO B 111 -5.64 17.79 17.74
C PRO B 111 -6.45 17.30 16.57
N LEU B 112 -7.40 16.40 16.85
CA LEU B 112 -8.31 15.92 15.80
C LEU B 112 -9.40 16.95 15.68
N PRO B 113 -9.70 17.33 14.45
CA PRO B 113 -10.74 18.34 14.32
C PRO B 113 -12.13 17.70 14.27
N ALA B 114 -13.14 18.47 14.66
CA ALA B 114 -14.57 18.05 14.71
C ALA B 114 -15.02 17.36 13.44
N ALA B 115 -14.58 17.91 12.31
CA ALA B 115 -14.85 17.39 10.97
C ALA B 115 -13.51 17.32 10.24
N GLY B 116 -13.26 16.25 9.49
CA GLY B 116 -11.97 16.08 8.86
C GLY B 116 -11.80 14.84 8.01
N LYS B 117 -10.53 14.54 7.71
CA LYS B 117 -10.15 13.48 6.76
C LYS B 117 -8.77 13.03 7.08
N LEU B 118 -8.53 11.74 6.99
CA LEU B 118 -7.19 11.18 7.22
C LEU B 118 -6.95 10.10 6.20
N SER B 119 -5.70 10.04 5.73
CA SER B 119 -5.25 8.96 4.87
C SER B 119 -4.63 7.97 5.79
N VAL B 120 -5.24 6.79 5.83
CA VAL B 120 -4.88 5.82 6.82
C VAL B 120 -4.25 4.60 6.18
N VAL B 121 -3.06 4.26 6.67
CA VAL B 121 -2.38 3.03 6.26
C VAL B 121 -2.17 2.18 7.50
N THR B 122 -2.42 0.89 7.39
CA THR B 122 -2.21 -0.03 8.49
C THR B 122 -1.16 -1.05 8.15
N GLU B 123 -0.51 -1.58 9.19
CA GLU B 123 0.58 -2.50 9.07
C GLU B 123 0.49 -3.60 10.13
N VAL B 124 0.84 -4.83 9.73
CA VAL B 124 1.15 -5.88 10.69
C VAL B 124 2.52 -5.65 11.28
N ALA B 125 2.57 -5.11 12.49
CA ALA B 125 3.83 -4.62 13.04
C ALA B 125 4.67 -5.72 13.69
N ASP B 126 4.01 -6.69 14.32
CA ASP B 126 4.71 -7.77 14.94
C ASP B 126 3.77 -8.95 14.96
N ILE B 127 4.35 -10.16 14.94
CA ILE B 127 3.66 -11.41 15.15
C ILE B 127 4.50 -12.18 16.15
N GLN B 128 4.00 -12.50 17.33
CA GLN B 128 4.82 -13.20 18.31
C GLN B 128 4.28 -14.59 18.57
N ASP B 129 5.17 -15.59 18.61
CA ASP B 129 4.74 -16.98 18.80
C ASP B 129 5.29 -17.48 20.10
N LYS B 130 4.41 -17.77 21.06
CA LYS B 130 4.90 -18.08 22.41
C LYS B 130 5.05 -19.58 22.59
N GLY B 131 4.57 -20.34 21.60
CA GLY B 131 4.87 -21.75 21.53
C GLY B 131 3.60 -22.54 21.55
N GLU B 132 3.76 -23.84 21.37
CA GLU B 132 2.61 -24.73 21.20
C GLU B 132 1.78 -24.76 22.51
N GLY B 133 0.45 -24.67 22.35
CA GLY B 133 -0.48 -24.57 23.48
C GLY B 133 -0.40 -23.25 24.24
N LYS B 134 0.42 -22.32 23.76
CA LYS B 134 0.52 -20.99 24.33
C LYS B 134 -0.10 -19.99 23.32
N ASN B 135 0.08 -18.70 23.56
CA ASN B 135 -0.59 -17.64 22.76
C ASN B 135 0.19 -17.21 21.54
N ALA B 136 -0.51 -16.80 20.49
CA ALA B 136 0.06 -15.90 19.52
C ALA B 136 -0.32 -14.44 19.88
N ILE B 137 0.57 -13.50 19.57
CA ILE B 137 0.30 -12.09 19.70
C ILE B 137 0.47 -11.38 18.35
N VAL B 138 -0.52 -10.59 17.94
CA VAL B 138 -0.48 -9.88 16.71
C VAL B 138 -0.51 -8.40 17.08
N VAL B 139 0.46 -7.61 16.62
CA VAL B 139 0.48 -6.18 16.86
C VAL B 139 0.17 -5.50 15.54
N LEU B 140 -0.90 -4.71 15.51
CA LEU B 140 -1.36 -4.02 14.32
C LEU B 140 -1.19 -2.51 14.54
N ARG B 141 -0.85 -1.80 13.48
CA ARG B 141 -0.52 -0.40 13.61
C ARG B 141 -1.23 0.44 12.59
N GLY B 142 -1.78 1.55 13.04
CA GLY B 142 -2.43 2.48 12.16
C GLY B 142 -1.66 3.78 12.07
N ARG B 143 -1.63 4.36 10.90
CA ARG B 143 -0.96 5.63 10.69
C ARG B 143 -1.84 6.54 9.90
N GLY B 144 -2.18 7.69 10.48
CA GLY B 144 -3.06 8.65 9.83
C GLY B 144 -2.35 9.95 9.48
N CYS B 145 -2.37 10.30 8.19
CA CYS B 145 -1.78 11.55 7.73
C CYS B 145 -2.84 12.47 7.10
N ASP B 146 -2.61 13.79 7.24
CA ASP B 146 -3.46 14.71 6.52
C ASP B 146 -3.31 14.42 5.06
N PRO B 147 -4.42 14.21 4.35
CA PRO B 147 -4.38 13.95 2.91
C PRO B 147 -3.66 14.98 2.04
N GLU B 148 -3.68 16.25 2.41
CA GLU B 148 -3.18 17.31 1.54
C GLU B 148 -1.69 17.60 1.76
N SER B 149 -1.28 17.87 3.00
CA SER B 149 0.13 18.05 3.35
C SER B 149 0.93 16.74 3.53
N GLY B 150 0.25 15.62 3.73
CA GLY B 150 0.93 14.35 4.02
C GLY B 150 1.46 14.28 5.45
N SER B 151 1.13 15.29 6.23
CA SER B 151 1.57 15.37 7.61
C SER B 151 0.95 14.27 8.52
N LEU B 152 1.74 13.77 9.45
CA LEU B 152 1.30 12.76 10.36
C LEU B 152 0.43 13.39 11.46
N VAL B 153 -0.79 12.89 11.58
CA VAL B 153 -1.72 13.34 12.61
C VAL B 153 -1.86 12.33 13.73
N ALA B 154 -2.14 11.08 13.38
CA ALA B 154 -2.51 10.03 14.37
C ALA B 154 -1.76 8.76 14.10
N GLU B 155 -1.31 8.10 15.16
CA GLU B 155 -0.86 6.70 15.12
C GLU B 155 -1.66 5.83 16.10
N THR B 156 -1.99 4.61 15.70
CA THR B 156 -2.73 3.68 16.57
C THR B 156 -2.04 2.33 16.66
N LEU B 157 -2.21 1.63 17.78
CA LEU B 157 -1.56 0.35 17.99
C LEU B 157 -2.51 -0.58 18.71
N THR B 158 -2.89 -1.66 18.03
CA THR B 158 -3.82 -2.61 18.54
C THR B 158 -3.08 -3.94 18.67
N THR B 159 -2.96 -4.42 19.89
CA THR B 159 -2.30 -5.67 20.19
C THR B 159 -3.39 -6.71 20.48
N LEU B 160 -3.47 -7.76 19.68
CA LEU B 160 -4.46 -8.81 19.89
C LEU B 160 -3.78 -10.03 20.48
N VAL B 161 -4.42 -10.63 21.47
CA VAL B 161 -3.94 -11.92 21.94
C VAL B 161 -4.82 -12.98 21.32
N LEU B 162 -4.21 -13.90 20.58
CA LEU B 162 -4.95 -15.04 19.99
C LEU B 162 -4.72 -16.26 20.89
N ARG B 163 -5.70 -16.55 21.77
CA ARG B 163 -5.49 -17.51 22.84
CA ARG B 163 -5.52 -17.53 22.86
C ARG B 163 -5.21 -18.92 22.33
N GLY B 164 -4.14 -19.51 22.82
CA GLY B 164 -3.79 -20.86 22.42
C GLY B 164 -3.34 -21.03 20.98
N GLN B 165 -3.07 -19.94 20.26
CA GLN B 165 -2.75 -20.08 18.84
C GLN B 165 -1.24 -20.23 18.52
N GLY B 166 -0.42 -20.31 19.56
CA GLY B 166 1.02 -20.49 19.38
C GLY B 166 1.42 -21.81 18.71
N GLY B 167 2.71 -21.95 18.41
CA GLY B 167 3.28 -23.16 17.78
C GLY B 167 3.18 -23.24 16.26
N PHE B 168 3.60 -22.18 15.56
CA PHE B 168 3.53 -22.16 14.10
C PHE B 168 4.86 -21.76 13.49
N GLY B 169 5.95 -21.89 14.25
CA GLY B 169 7.28 -21.55 13.73
C GLY B 169 7.69 -20.09 13.76
N GLY B 170 6.95 -19.27 14.52
CA GLY B 170 7.21 -17.85 14.55
C GLY B 170 8.29 -17.50 15.52
N ALA B 171 8.70 -16.24 15.48
CA ALA B 171 9.61 -15.70 16.46
C ALA B 171 8.85 -15.44 17.76
N ARG B 172 9.52 -15.67 18.87
CA ARG B 172 8.92 -15.57 20.19
C ARG B 172 8.63 -14.12 20.55
N GLY B 173 9.61 -13.26 20.29
CA GLY B 173 9.47 -11.83 20.49
C GLY B 173 9.48 -11.45 21.96
N GLU B 174 9.45 -10.15 22.21
CA GLU B 174 9.51 -9.63 23.57
C GLU B 174 8.25 -8.83 23.90
N ARG B 175 7.68 -9.15 25.06
CA ARG B 175 6.69 -8.30 25.73
C ARG B 175 7.33 -6.98 26.19
N PRO B 176 6.62 -5.86 25.99
CA PRO B 176 7.15 -4.61 26.59
C PRO B 176 6.98 -4.59 28.12
N ALA B 177 7.84 -3.84 28.80
CA ALA B 177 7.74 -3.71 30.25
C ALA B 177 6.40 -3.05 30.62
N ALA B 178 5.66 -3.70 31.51
CA ALA B 178 4.44 -3.14 32.08
C ALA B 178 4.78 -1.77 32.68
N PRO B 179 3.85 -0.81 32.61
CA PRO B 179 4.10 0.42 33.32
C PRO B 179 4.12 0.16 34.83
N GLU B 180 4.88 0.97 35.54
CA GLU B 180 5.12 0.78 36.96
C GLU B 180 4.13 1.62 37.76
N PHE B 181 3.40 0.94 38.64
CA PHE B 181 2.39 1.59 39.45
C PHE B 181 2.92 1.93 40.86
N PRO B 182 3.02 3.23 41.17
CA PRO B 182 3.46 3.65 42.46
C PRO B 182 2.64 3.03 43.57
N ASP B 183 3.31 2.71 44.65
CA ASP B 183 2.78 1.96 45.79
C ASP B 183 1.80 2.80 46.66
N ARG B 184 1.55 4.06 46.30
CA ARG B 184 0.68 4.94 47.05
C ARG B 184 -0.76 4.95 46.54
N HIS B 185 -1.64 5.62 47.28
CA HIS B 185 -3.00 5.88 46.81
C HIS B 185 -2.95 6.71 45.53
N PRO B 186 -3.95 6.54 44.67
CA PRO B 186 -4.00 7.32 43.43
C PRO B 186 -4.11 8.83 43.70
N ASP B 187 -3.55 9.62 42.81
CA ASP B 187 -3.67 11.07 42.91
C ASP B 187 -5.14 11.52 42.61
N ALA B 188 -5.87 10.70 41.82
CA ALA B 188 -7.27 10.92 41.53
C ALA B 188 -8.02 9.60 41.28
N ARG B 189 -9.28 9.58 41.69
CA ARG B 189 -10.22 8.55 41.36
C ARG B 189 -11.41 9.26 40.69
N ILE B 190 -11.64 8.99 39.41
CA ILE B 190 -12.69 9.66 38.64
C ILE B 190 -13.71 8.60 38.23
N ASP B 191 -14.94 8.70 38.74
CA ASP B 191 -15.98 7.75 38.42
C ASP B 191 -16.80 8.25 37.25
N MET B 192 -17.05 7.36 36.28
CA MET B 192 -17.92 7.66 35.17
C MET B 192 -18.98 6.56 35.07
N PRO B 193 -20.26 6.90 35.24
CA PRO B 193 -21.30 5.91 34.97
C PRO B 193 -21.43 5.59 33.50
N THR B 194 -21.97 4.41 33.22
CA THR B 194 -22.41 4.06 31.89
C THR B 194 -23.89 3.71 31.95
N ARG B 195 -24.53 3.75 30.80
CA ARG B 195 -25.91 3.43 30.72
C ARG B 195 -26.12 2.00 30.24
N GLU B 196 -27.30 1.52 30.53
CA GLU B 196 -27.71 0.21 30.19
C GLU B 196 -27.77 0.02 28.65
N ASP B 197 -28.00 1.09 27.92
CA ASP B 197 -28.07 1.04 26.49
C ASP B 197 -26.87 1.61 25.78
N GLN B 198 -25.78 1.83 26.49
CA GLN B 198 -24.67 2.54 25.87
C GLN B 198 -23.99 1.80 24.73
N ALA B 199 -23.98 0.47 24.75
CA ALA B 199 -23.37 -0.25 23.65
C ALA B 199 -24.15 0.03 22.37
N LEU B 200 -25.46 0.25 22.50
CA LEU B 200 -26.33 0.50 21.35
C LEU B 200 -26.01 1.82 20.64
N ILE B 201 -25.47 2.79 21.38
CA ILE B 201 -25.09 4.05 20.76
C ILE B 201 -23.63 3.97 20.32
N TYR B 202 -22.79 3.37 21.15
CA TYR B 202 -21.38 3.30 20.87
C TYR B 202 -21.12 2.57 19.55
N ARG B 203 -21.95 1.57 19.22
CA ARG B 203 -21.71 0.69 18.09
C ARG B 203 -21.96 1.39 16.78
N LEU B 204 -22.59 2.57 16.89
CA LEU B 204 -22.89 3.34 15.73
C LEU B 204 -21.72 4.23 15.38
N SER B 205 -20.61 4.11 16.09
CA SER B 205 -19.34 4.62 15.62
C SER B 205 -18.58 3.51 14.89
N GLY B 206 -19.25 2.38 14.59
CA GLY B 206 -18.77 1.41 13.57
C GLY B 206 -18.71 -0.07 13.94
N ASP B 207 -18.51 -0.40 15.23
CA ASP B 207 -18.31 -1.77 15.64
C ASP B 207 -19.66 -2.46 15.99
N ARG B 208 -20.22 -3.10 14.96
CA ARG B 208 -21.50 -3.77 15.04
C ARG B 208 -21.46 -5.17 15.67
N ASN B 209 -20.31 -5.59 16.18
CA ASN B 209 -20.15 -6.91 16.77
C ASN B 209 -21.29 -7.29 17.73
N PRO B 210 -22.02 -8.37 17.42
CA PRO B 210 -23.26 -8.61 18.19
C PRO B 210 -23.01 -9.06 19.63
N LEU B 211 -21.77 -9.39 19.95
CA LEU B 211 -21.40 -9.54 21.34
C LEU B 211 -21.83 -8.37 22.25
N HIS B 212 -21.98 -7.19 21.70
CA HIS B 212 -22.29 -6.00 22.45
C HIS B 212 -23.74 -5.55 22.36
N SER B 213 -24.54 -6.18 21.50
CA SER B 213 -25.90 -5.69 21.17
C SER B 213 -27.01 -6.76 21.19
N ASP B 214 -26.66 -8.01 20.86
CA ASP B 214 -27.61 -9.13 20.77
C ASP B 214 -27.57 -10.03 21.97
N PRO B 215 -28.63 -10.03 22.77
CA PRO B 215 -28.62 -10.90 23.96
C PRO B 215 -28.60 -12.38 23.64
N TRP B 216 -29.13 -12.76 22.49
CA TRP B 216 -28.99 -14.16 22.05
C TRP B 216 -27.51 -14.58 21.89
N PHE B 217 -26.77 -13.77 21.17
CA PHE B 217 -25.37 -14.06 20.93
C PHE B 217 -24.60 -14.02 22.25
N ALA B 218 -24.94 -13.05 23.11
CA ALA B 218 -24.26 -12.95 24.39
C ALA B 218 -24.52 -14.16 25.25
N THR B 219 -25.78 -14.60 25.32
CA THR B 219 -26.16 -15.72 26.24
C THR B 219 -25.95 -17.10 25.64
N GLN B 220 -26.20 -17.27 24.34
CA GLN B 220 -26.23 -18.60 23.77
C GLN B 220 -24.84 -18.99 23.26
N LEU B 221 -24.08 -18.00 22.81
CA LEU B 221 -22.75 -18.27 22.31
C LEU B 221 -21.69 -17.85 23.29
N ALA B 222 -21.84 -16.68 23.93
CA ALA B 222 -20.73 -16.01 24.60
C ALA B 222 -20.58 -16.34 26.07
N GLY B 223 -21.56 -16.99 26.67
CA GLY B 223 -21.46 -17.33 28.08
C GLY B 223 -21.73 -16.14 29.01
N PHE B 224 -22.32 -15.05 28.53
CA PHE B 224 -22.56 -13.88 29.38
C PHE B 224 -24.05 -13.76 29.66
N PRO B 225 -24.41 -13.10 30.76
CA PRO B 225 -25.87 -13.00 31.07
C PRO B 225 -26.60 -12.00 30.21
N LYS B 226 -25.82 -11.09 29.61
CA LYS B 226 -26.30 -10.13 28.69
C LYS B 226 -25.10 -9.56 27.93
N PRO B 227 -25.34 -8.81 26.86
CA PRO B 227 -24.25 -8.30 26.07
C PRO B 227 -23.33 -7.36 26.85
N ILE B 228 -22.05 -7.43 26.53
CA ILE B 228 -21.01 -6.69 27.26
C ILE B 228 -20.65 -5.40 26.53
N LEU B 229 -20.17 -4.44 27.31
CA LEU B 229 -19.71 -3.18 26.73
C LEU B 229 -18.52 -3.45 25.81
N HIS B 230 -18.46 -2.77 24.69
CA HIS B 230 -17.21 -2.70 23.91
C HIS B 230 -16.01 -2.27 24.77
N GLY B 231 -14.91 -2.97 24.63
CA GLY B 231 -13.64 -2.56 25.24
C GLY B 231 -13.26 -1.15 24.87
N LEU B 232 -13.48 -0.80 23.62
CA LEU B 232 -13.06 0.49 23.14
C LEU B 232 -13.95 1.61 23.68
N CYS B 233 -15.16 1.27 24.10
CA CYS B 233 -16.03 2.22 24.77
C CYS B 233 -15.45 2.48 26.18
N THR B 234 -15.09 1.42 26.88
CA THR B 234 -14.46 1.54 28.19
C THR B 234 -13.21 2.41 28.08
N TYR B 235 -12.42 2.16 27.06
CA TYR B 235 -11.23 2.92 26.74
C TYR B 235 -11.57 4.40 26.52
N GLY B 236 -12.65 4.67 25.82
CA GLY B 236 -13.07 6.03 25.59
C GLY B 236 -13.56 6.72 26.86
N VAL B 237 -14.27 6.00 27.71
CA VAL B 237 -14.69 6.53 29.01
C VAL B 237 -13.50 6.91 29.89
N ALA B 238 -12.49 6.04 29.93
CA ALA B 238 -11.28 6.35 30.67
C ALA B 238 -10.61 7.58 30.03
N GLY B 239 -10.65 7.71 28.71
CA GLY B 239 -10.11 8.87 28.04
C GLY B 239 -10.79 10.16 28.48
N ARG B 240 -12.12 10.14 28.65
CA ARG B 240 -12.84 11.28 29.22
C ARG B 240 -12.34 11.68 30.59
N ALA B 241 -12.21 10.71 31.49
CA ALA B 241 -11.63 10.93 32.82
C ALA B 241 -10.21 11.47 32.75
N LEU B 242 -9.40 10.98 31.83
CA LEU B 242 -8.05 11.43 31.67
C LEU B 242 -8.00 12.88 31.18
N VAL B 243 -8.78 13.19 30.16
CA VAL B 243 -8.89 14.55 29.66
C VAL B 243 -9.32 15.56 30.76
N ALA B 244 -10.24 15.18 31.62
CA ALA B 244 -10.68 16.06 32.69
C ALA B 244 -9.56 16.25 33.74
N GLU B 245 -9.12 15.17 34.35
CA GLU B 245 -8.14 15.27 35.41
C GLU B 245 -6.78 15.77 34.93
N LEU B 246 -6.20 15.11 33.95
CA LEU B 246 -4.87 15.45 33.48
C LEU B 246 -4.83 16.62 32.53
N GLY B 247 -5.78 16.66 31.60
CA GLY B 247 -5.78 17.65 30.52
C GLY B 247 -6.55 18.96 30.77
N GLY B 248 -6.97 19.18 32.01
CA GLY B 248 -7.73 20.38 32.37
C GLY B 248 -9.02 20.56 31.57
N GLY B 249 -9.55 19.48 30.99
CA GLY B 249 -10.72 19.51 30.15
C GLY B 249 -10.43 19.81 28.70
N VAL B 250 -9.15 19.90 28.35
CA VAL B 250 -8.74 20.28 27.02
C VAL B 250 -8.18 19.04 26.33
N ALA B 251 -8.99 18.48 25.43
CA ALA B 251 -8.67 17.28 24.67
C ALA B 251 -7.25 17.32 24.08
N ALA B 252 -6.89 18.45 23.46
CA ALA B 252 -5.56 18.59 22.85
C ALA B 252 -4.41 18.47 23.84
N ASN B 253 -4.65 18.59 25.13
CA ASN B 253 -3.59 18.35 26.09
C ASN B 253 -3.22 16.86 26.29
N ILE B 254 -4.02 15.92 25.78
CA ILE B 254 -3.64 14.50 25.87
C ILE B 254 -2.93 14.09 24.60
N THR B 255 -1.70 13.58 24.73
CA THR B 255 -0.83 13.23 23.61
C THR B 255 -0.93 11.75 23.28
N SER B 256 -0.98 10.92 24.29
CA SER B 256 -1.09 9.51 24.08
C SER B 256 -1.78 8.81 25.23
N ILE B 257 -2.43 7.68 24.91
CA ILE B 257 -3.13 6.85 25.87
C ILE B 257 -2.96 5.39 25.43
N ALA B 258 -2.43 4.55 26.31
CA ALA B 258 -2.36 3.11 26.05
C ALA B 258 -2.93 2.42 27.23
N ALA B 259 -3.59 1.29 27.01
CA ALA B 259 -4.07 0.44 28.10
C ALA B 259 -4.29 -1.00 27.63
N ARG B 260 -4.41 -1.90 28.60
CA ARG B 260 -4.69 -3.30 28.37
C ARG B 260 -6.05 -3.70 28.90
N PHE B 261 -6.81 -4.43 28.09
CA PHE B 261 -8.14 -4.90 28.44
C PHE B 261 -8.09 -6.21 29.20
N THR B 262 -8.37 -6.19 30.51
CA THR B 262 -8.16 -7.34 31.36
C THR B 262 -9.44 -8.13 31.65
N LYS B 263 -10.56 -7.44 31.83
CA LYS B 263 -11.85 -8.08 32.11
C LYS B 263 -13.02 -7.35 31.43
N PRO B 264 -14.11 -8.07 31.19
CA PRO B 264 -15.28 -7.49 30.51
C PRO B 264 -16.05 -6.53 31.42
N VAL B 265 -16.78 -5.62 30.78
CA VAL B 265 -17.58 -4.63 31.44
C VAL B 265 -19.01 -4.78 30.97
N PHE B 266 -19.98 -4.65 31.88
CA PHE B 266 -21.38 -4.59 31.48
C PHE B 266 -21.93 -3.18 31.38
N PRO B 267 -22.74 -2.89 30.34
CA PRO B 267 -23.32 -1.58 30.36
C PRO B 267 -24.26 -1.40 31.57
N GLY B 268 -24.16 -0.24 32.20
CA GLY B 268 -24.85 0.00 33.46
C GLY B 268 -23.82 0.20 34.55
N GLU B 269 -22.65 -0.38 34.37
CA GLU B 269 -21.63 -0.37 35.41
C GLU B 269 -20.88 0.93 35.41
N THR B 270 -20.49 1.37 36.59
CA THR B 270 -19.75 2.62 36.74
C THR B 270 -18.28 2.33 36.62
N LEU B 271 -17.60 3.11 35.81
CA LEU B 271 -16.19 2.92 35.55
C LEU B 271 -15.37 3.91 36.33
N SER B 272 -14.49 3.40 37.15
CA SER B 272 -13.73 4.20 38.11
C SER B 272 -12.28 4.18 37.65
N THR B 273 -11.75 5.34 37.24
CA THR B 273 -10.44 5.41 36.66
C THR B 273 -9.50 6.01 37.72
N VAL B 274 -8.50 5.22 38.13
CA VAL B 274 -7.56 5.64 39.17
C VAL B 274 -6.25 6.04 38.50
N ILE B 275 -5.83 7.27 38.74
CA ILE B 275 -4.74 7.92 38.03
C ILE B 275 -3.62 8.29 39.01
N TRP B 276 -2.37 8.10 38.58
CA TRP B 276 -1.17 8.53 39.32
C TRP B 276 -0.32 9.39 38.42
N ARG B 277 -0.04 10.60 38.86
CA ARG B 277 0.96 11.43 38.20
CA ARG B 277 0.95 11.43 38.21
C ARG B 277 2.32 10.88 38.59
N THR B 278 3.17 10.73 37.59
CA THR B 278 4.53 10.21 37.74
C THR B 278 5.54 11.30 37.26
N GLU B 279 6.20 11.08 36.15
CA GLU B 279 7.14 12.07 35.62
C GLU B 279 6.32 13.22 35.06
N PRO B 280 6.91 14.40 34.92
CA PRO B 280 6.13 15.50 34.35
C PRO B 280 5.56 15.12 33.00
N GLY B 281 4.28 15.46 32.76
CA GLY B 281 3.57 15.10 31.54
C GLY B 281 3.34 13.60 31.33
N ARG B 282 3.48 12.80 32.38
CA ARG B 282 3.25 11.39 32.27
C ARG B 282 2.41 10.94 33.45
N ALA B 283 1.55 9.94 33.22
CA ALA B 283 0.82 9.28 34.31
C ALA B 283 0.53 7.83 33.98
N VAL B 284 0.15 7.05 34.97
CA VAL B 284 -0.28 5.69 34.77
C VAL B 284 -1.66 5.56 35.38
N PHE B 285 -2.46 4.65 34.84
CA PHE B 285 -3.83 4.52 35.29
C PHE B 285 -4.40 3.12 35.14
N ARG B 286 -5.41 2.83 35.95
CA ARG B 286 -6.26 1.65 35.79
C ARG B 286 -7.69 2.10 35.78
N THR B 287 -8.55 1.32 35.18
CA THR B 287 -9.97 1.57 35.29
C THR B 287 -10.59 0.31 35.88
N GLU B 288 -11.45 0.49 36.88
CA GLU B 288 -12.02 -0.59 37.63
C GLU B 288 -13.51 -0.38 37.79
N VAL B 289 -14.18 -1.47 38.10
CA VAL B 289 -15.56 -1.47 38.54
C VAL B 289 -15.54 -1.87 39.99
N ALA B 290 -16.04 -1.01 40.87
CA ALA B 290 -16.09 -1.29 42.31
C ALA B 290 -16.97 -2.48 42.59
N GLY B 291 -16.56 -3.32 43.52
CA GLY B 291 -17.33 -4.51 43.86
C GLY B 291 -18.59 -4.12 44.60
N GLU B 296 -14.53 -7.07 46.33
CA GLU B 296 -13.31 -6.46 45.78
C GLU B 296 -13.44 -5.94 44.31
N ALA B 297 -12.74 -4.85 44.02
CA ALA B 297 -12.82 -4.21 42.70
C ALA B 297 -12.36 -5.17 41.58
N ARG B 298 -12.96 -5.03 40.41
CA ARG B 298 -12.58 -5.75 39.22
C ARG B 298 -11.78 -4.80 38.33
N VAL B 299 -10.52 -5.12 38.06
CA VAL B 299 -9.76 -4.30 37.12
C VAL B 299 -10.15 -4.65 35.66
N VAL B 300 -10.61 -3.64 34.92
CA VAL B 300 -11.11 -3.85 33.55
C VAL B 300 -10.18 -3.20 32.52
N LEU B 301 -9.44 -2.15 32.92
CA LEU B 301 -8.29 -1.65 32.13
C LEU B 301 -7.12 -1.61 33.07
N ASP B 302 -5.98 -2.16 32.66
CA ASP B 302 -4.78 -2.18 33.46
C ASP B 302 -3.65 -1.64 32.61
N ASP B 303 -2.51 -1.37 33.25
CA ASP B 303 -1.30 -0.93 32.55
C ASP B 303 -1.52 0.28 31.70
N GLY B 304 -2.32 1.23 32.20
CA GLY B 304 -2.62 2.44 31.45
C GLY B 304 -1.47 3.43 31.54
N ALA B 305 -1.22 4.15 30.46
CA ALA B 305 -0.12 5.11 30.41
C ALA B 305 -0.56 6.24 29.54
N VAL B 306 -0.26 7.46 29.97
CA VAL B 306 -0.70 8.65 29.29
C VAL B 306 0.47 9.61 29.22
N GLU B 307 0.59 10.31 28.10
CA GLU B 307 1.48 11.46 27.98
C GLU B 307 0.59 12.65 27.74
N TYR B 308 0.87 13.73 28.44
CA TYR B 308 0.01 14.89 28.39
C TYR B 308 0.80 16.16 28.60
N VAL B 309 0.26 17.29 28.12
CA VAL B 309 0.86 18.60 28.32
C VAL B 309 0.23 19.29 29.53
N ALA B 310 1.08 19.91 30.35
CA ALA B 310 0.63 20.68 31.54
C ALA B 310 -0.15 21.94 31.18
N ILE C 24 12.99 -25.63 -49.46
CA ILE C 24 13.72 -24.48 -50.09
C ILE C 24 13.18 -24.15 -51.49
N ASP C 25 11.91 -23.76 -51.57
CA ASP C 25 11.28 -23.40 -52.86
C ASP C 25 12.02 -22.24 -53.55
N PRO C 26 12.69 -22.51 -54.71
CA PRO C 26 13.39 -21.48 -55.50
C PRO C 26 12.44 -20.49 -56.18
N ASN C 27 11.13 -20.72 -56.00
CA ASN C 27 10.12 -19.77 -56.40
C ASN C 27 10.14 -18.50 -55.50
N SER C 28 10.79 -18.59 -54.33
CA SER C 28 10.69 -17.53 -53.31
C SER C 28 11.54 -16.29 -53.56
N ILE C 29 12.35 -16.23 -54.61
CA ILE C 29 13.18 -15.04 -54.85
C ILE C 29 12.30 -13.80 -54.93
N GLY C 30 12.72 -12.71 -54.31
CA GLY C 30 12.00 -11.42 -54.41
C GLY C 30 10.84 -11.33 -53.44
N ALA C 31 10.59 -12.42 -52.71
CA ALA C 31 9.57 -12.42 -51.66
C ALA C 31 10.03 -11.52 -50.48
N VAL C 32 9.06 -10.96 -49.77
CA VAL C 32 9.29 -9.95 -48.74
C VAL C 32 8.44 -10.30 -47.48
N THR C 33 8.93 -9.95 -46.29
CA THR C 33 8.06 -9.91 -45.10
C THR C 33 7.42 -8.52 -44.96
N GLU C 34 6.23 -8.47 -44.35
CA GLU C 34 5.61 -7.21 -43.95
C GLU C 34 6.56 -6.53 -42.95
N PRO C 35 6.45 -5.19 -42.81
CA PRO C 35 7.34 -4.45 -41.91
C PRO C 35 7.28 -4.95 -40.47
N MET C 36 8.43 -4.90 -39.81
CA MET C 36 8.55 -5.21 -38.37
C MET C 36 9.25 -3.99 -37.70
N LEU C 37 8.68 -3.55 -36.57
CA LEU C 37 9.29 -2.52 -35.72
C LEU C 37 10.41 -3.10 -34.88
N PHE C 38 11.68 -2.75 -35.12
CA PHE C 38 12.71 -3.10 -34.12
C PHE C 38 13.08 -1.89 -33.27
N GLU C 39 12.99 -2.09 -31.97
CA GLU C 39 13.10 -1.08 -30.92
C GLU C 39 14.18 -1.46 -29.90
N TRP C 40 14.95 -0.48 -29.44
CA TRP C 40 16.02 -0.70 -28.52
C TRP C 40 16.31 0.53 -27.68
N THR C 41 16.84 0.30 -26.49
CA THR C 41 17.30 1.37 -25.58
C THR C 41 18.80 1.29 -25.46
N ASP C 42 19.37 2.18 -24.64
CA ASP C 42 20.82 2.24 -24.47
C ASP C 42 21.39 0.97 -23.86
N ARG C 43 20.61 0.30 -23.03
CA ARG C 43 21.05 -0.95 -22.42
C ARG C 43 21.42 -1.93 -23.51
N ASP C 44 20.62 -1.96 -24.56
CA ASP C 44 20.85 -2.90 -25.65
C ASP C 44 22.14 -2.67 -26.42
N THR C 45 22.38 -1.42 -26.78
CA THR C 45 23.60 -1.04 -27.53
C THR C 45 24.86 -1.07 -26.68
N LEU C 46 24.73 -0.74 -25.39
CA LEU C 46 25.85 -0.92 -24.48
C LEU C 46 26.17 -2.43 -24.30
N LEU C 47 25.13 -3.25 -24.10
CA LEU C 47 25.27 -4.71 -24.02
C LEU C 47 25.92 -5.34 -25.30
N TYR C 48 25.47 -4.90 -26.45
CA TYR C 48 26.08 -5.34 -27.69
C TYR C 48 27.55 -5.01 -27.75
N ALA C 49 27.94 -3.76 -27.42
CA ALA C 49 29.35 -3.42 -27.44
C ALA C 49 30.16 -4.29 -26.51
N ILE C 50 29.64 -4.56 -25.32
CA ILE C 50 30.39 -5.44 -24.40
C ILE C 50 30.36 -6.84 -25.02
N GLY C 51 29.25 -7.20 -25.64
CA GLY C 51 29.17 -8.46 -26.37
C GLY C 51 30.25 -8.71 -27.40
N VAL C 52 30.64 -7.65 -28.10
CA VAL C 52 31.71 -7.73 -29.10
C VAL C 52 33.05 -7.29 -28.55
N GLY C 53 33.18 -7.34 -27.21
CA GLY C 53 34.49 -7.26 -26.57
C GLY C 53 34.97 -5.87 -26.18
N ALA C 54 34.17 -4.82 -26.36
CA ALA C 54 34.56 -3.47 -25.84
C ALA C 54 34.50 -3.47 -24.32
N GLY C 55 35.34 -2.67 -23.69
CA GLY C 55 35.57 -2.67 -22.28
C GLY C 55 35.84 -1.26 -21.73
N THR C 56 36.64 -1.18 -20.66
CA THR C 56 36.87 0.03 -19.91
C THR C 56 37.72 1.04 -20.72
N GLY C 57 38.41 0.55 -21.75
CA GLY C 57 39.20 1.41 -22.63
C GLY C 57 38.36 1.91 -23.80
N ASP C 58 37.08 1.54 -23.87
CA ASP C 58 36.21 1.96 -24.96
C ASP C 58 34.94 2.63 -24.38
N LEU C 59 35.12 3.63 -23.52
CA LEU C 59 33.98 4.24 -22.80
C LEU C 59 32.92 4.83 -23.71
N ALA C 60 33.27 5.25 -24.92
CA ALA C 60 32.27 5.76 -25.85
C ALA C 60 31.28 4.71 -26.25
N PHE C 61 31.70 3.45 -26.22
CA PHE C 61 30.80 2.34 -26.67
C PHE C 61 30.17 1.57 -25.51
N THR C 62 30.86 1.54 -24.38
CA THR C 62 30.41 0.83 -23.20
C THR C 62 29.77 1.66 -22.10
N THR C 63 29.78 3.00 -22.21
CA THR C 63 29.07 3.86 -21.27
C THR C 63 28.28 4.98 -21.92
N GLU C 64 27.26 5.49 -21.22
CA GLU C 64 26.41 6.51 -21.78
C GLU C 64 26.51 7.87 -21.06
N ASN C 65 27.11 7.88 -19.87
CA ASN C 65 27.09 9.00 -18.95
C ASN C 65 28.49 9.31 -18.41
N SER C 66 29.52 8.89 -19.13
CA SER C 66 30.89 9.22 -18.75
C SER C 66 31.21 10.62 -19.19
N HIS C 67 31.92 11.33 -18.33
CA HIS C 67 32.15 12.77 -18.46
C HIS C 67 32.83 13.12 -19.79
N GLY C 68 32.20 13.98 -20.58
CA GLY C 68 32.77 14.40 -21.88
C GLY C 68 32.72 13.39 -23.02
N ILE C 69 31.90 12.33 -22.91
CA ILE C 69 31.88 11.26 -23.92
C ILE C 69 30.47 10.86 -24.20
N ASP C 70 29.99 11.17 -25.40
CA ASP C 70 28.66 10.75 -25.80
C ASP C 70 28.78 9.29 -26.26
N GLN C 71 27.77 8.51 -25.95
CA GLN C 71 27.76 7.15 -26.36
C GLN C 71 27.72 7.07 -27.88
N GLN C 72 28.55 6.19 -28.44
CA GLN C 72 28.48 5.89 -29.87
C GLN C 72 28.00 4.45 -30.04
N VAL C 73 27.30 4.15 -31.13
CA VAL C 73 26.83 2.81 -31.40
C VAL C 73 27.70 2.19 -32.50
N LEU C 74 28.23 0.99 -32.28
CA LEU C 74 29.04 0.36 -33.32
C LEU C 74 28.16 0.00 -34.50
N PRO C 75 28.63 0.32 -35.69
CA PRO C 75 27.82 0.12 -36.89
C PRO C 75 27.37 -1.31 -37.05
N THR C 76 28.15 -2.27 -36.56
CA THR C 76 27.75 -3.69 -36.70
C THR C 76 26.48 -4.02 -35.97
N TYR C 77 26.01 -3.09 -35.13
CA TYR C 77 24.75 -3.28 -34.44
C TYR C 77 23.62 -3.39 -35.48
N ALA C 78 23.86 -2.99 -36.72
CA ALA C 78 22.84 -3.18 -37.79
C ALA C 78 22.31 -4.62 -37.86
N VAL C 79 23.16 -5.60 -37.54
CA VAL C 79 22.78 -7.01 -37.67
C VAL C 79 21.76 -7.37 -36.63
N ILE C 80 21.64 -6.57 -35.58
CA ILE C 80 20.69 -6.79 -34.51
C ILE C 80 19.42 -5.97 -34.74
N CYS C 81 19.57 -4.69 -35.11
CA CYS C 81 18.39 -3.83 -35.31
C CYS C 81 17.83 -3.86 -36.73
N CYS C 82 18.56 -4.47 -37.67
CA CYS C 82 18.06 -4.58 -39.03
C CYS C 82 18.18 -6.01 -39.50
N PRO C 83 17.58 -6.96 -38.75
CA PRO C 83 17.84 -8.37 -39.08
C PRO C 83 17.19 -8.82 -40.41
N ALA C 84 17.99 -9.42 -41.29
CA ALA C 84 17.51 -10.04 -42.53
C ALA C 84 16.74 -11.37 -42.34
N PHE C 85 16.84 -12.00 -41.16
CA PHE C 85 16.30 -13.38 -40.96
C PHE C 85 14.76 -13.53 -41.00
N GLY C 86 14.03 -12.42 -40.91
CA GLY C 86 12.56 -12.50 -41.12
C GLY C 86 12.20 -13.22 -42.43
N ALA C 87 13.12 -13.21 -43.39
CA ALA C 87 12.85 -13.73 -44.73
C ALA C 87 13.04 -15.27 -44.88
N ALA C 88 13.68 -15.91 -43.89
CA ALA C 88 13.88 -17.36 -43.90
C ALA C 88 12.56 -18.12 -44.01
N ALA C 89 11.59 -17.78 -43.18
CA ALA C 89 10.26 -18.39 -43.23
C ALA C 89 9.65 -18.35 -44.65
N LYS C 90 9.99 -17.29 -45.38
CA LYS C 90 9.58 -17.12 -46.79
C LYS C 90 10.34 -18.06 -47.74
N VAL C 91 11.49 -18.58 -47.29
CA VAL C 91 12.23 -19.58 -48.05
C VAL C 91 11.72 -20.98 -47.70
N LEU C 99 25.72 -19.62 -40.64
CA LEU C 99 26.59 -18.47 -41.00
C LEU C 99 28.03 -18.87 -41.32
N LEU C 100 28.62 -19.75 -40.52
CA LEU C 100 29.91 -20.32 -40.92
C LEU C 100 29.77 -20.67 -42.40
N HIS C 101 30.77 -20.22 -43.18
CA HIS C 101 30.84 -20.42 -44.62
C HIS C 101 30.02 -19.38 -45.36
N GLY C 102 29.12 -18.74 -44.59
CA GLY C 102 28.26 -17.67 -45.07
C GLY C 102 29.00 -16.34 -45.00
N SER C 103 28.30 -15.28 -45.36
CA SER C 103 28.86 -13.96 -45.33
C SER C 103 27.86 -12.99 -44.71
N GLN C 104 28.37 -11.83 -44.31
CA GLN C 104 27.47 -10.81 -43.83
C GLN C 104 27.98 -9.48 -44.34
N GLY C 105 27.07 -8.67 -44.86
CA GLY C 105 27.40 -7.25 -45.15
C GLY C 105 26.41 -6.31 -44.47
N ILE C 106 26.88 -5.10 -44.19
CA ILE C 106 26.02 -4.05 -43.69
C ILE C 106 26.37 -2.76 -44.40
N ARG C 107 25.41 -1.84 -44.50
CA ARG C 107 25.72 -0.51 -45.01
C ARG C 107 24.86 0.44 -44.22
N LEU C 108 25.47 1.49 -43.68
CA LEU C 108 24.75 2.48 -42.88
C LEU C 108 24.73 3.82 -43.59
N HIS C 109 23.58 4.49 -43.53
CA HIS C 109 23.41 5.83 -44.12
C HIS C 109 23.35 6.97 -43.10
N ALA C 110 23.20 6.59 -41.83
CA ALA C 110 23.18 7.50 -40.69
C ALA C 110 23.87 6.80 -39.51
N PRO C 111 24.26 7.57 -38.47
CA PRO C 111 24.70 6.90 -37.25
C PRO C 111 23.54 6.21 -36.56
N LEU C 112 23.74 5.02 -36.03
CA LEU C 112 22.65 4.40 -35.25
C LEU C 112 22.67 5.11 -33.89
N PRO C 113 21.49 5.50 -33.39
CA PRO C 113 21.40 6.11 -32.09
C PRO C 113 21.34 5.07 -30.96
N ALA C 114 21.88 5.44 -29.80
CA ALA C 114 21.94 4.59 -28.62
C ALA C 114 20.61 3.98 -28.29
N ALA C 115 19.55 4.78 -28.44
CA ALA C 115 18.21 4.32 -28.27
C ALA C 115 17.47 4.74 -29.51
N GLY C 116 16.56 3.88 -29.97
CA GLY C 116 15.79 4.22 -31.13
C GLY C 116 14.96 3.07 -31.64
N LYS C 117 14.50 3.24 -32.87
CA LYS C 117 13.72 2.23 -33.53
C LYS C 117 13.79 2.38 -35.03
N LEU C 118 13.49 1.26 -35.71
CA LEU C 118 13.59 1.13 -37.15
C LEU C 118 12.46 0.29 -37.67
N SER C 119 11.92 0.66 -38.84
CA SER C 119 10.93 -0.19 -39.57
C SER C 119 11.76 -1.08 -40.46
N VAL C 120 11.68 -2.41 -40.25
CA VAL C 120 12.53 -3.36 -40.98
C VAL C 120 11.69 -4.27 -41.88
N VAL C 121 12.24 -4.52 -43.07
CA VAL C 121 11.61 -5.29 -44.18
C VAL C 121 12.75 -6.05 -44.74
N THR C 122 12.51 -7.33 -45.01
CA THR C 122 13.53 -8.32 -45.34
C THR C 122 13.23 -8.86 -46.73
N GLU C 123 14.26 -9.21 -47.49
CA GLU C 123 14.01 -9.79 -48.82
C GLU C 123 14.87 -11.01 -49.04
N VAL C 124 14.31 -11.98 -49.77
CA VAL C 124 15.07 -13.11 -50.30
C VAL C 124 15.74 -12.58 -51.56
N ALA C 125 17.04 -12.33 -51.50
CA ALA C 125 17.73 -11.62 -52.60
C ALA C 125 18.12 -12.57 -53.73
N ASP C 126 18.27 -13.84 -53.38
CA ASP C 126 18.85 -14.84 -54.27
C ASP C 126 18.89 -16.19 -53.55
N ILE C 127 18.50 -17.24 -54.28
CA ILE C 127 18.68 -18.64 -53.88
C ILE C 127 19.50 -19.27 -55.01
N GLN C 128 20.54 -20.00 -54.66
CA GLN C 128 21.49 -20.46 -55.64
C GLN C 128 21.50 -21.99 -55.72
N ASP C 129 21.19 -22.50 -56.92
CA ASP C 129 21.20 -23.92 -57.27
C ASP C 129 21.27 -23.99 -58.81
N ALA C 136 23.47 -25.90 -50.29
CA ALA C 136 22.50 -24.90 -50.78
C ALA C 136 22.76 -23.48 -50.25
N ILE C 137 22.59 -22.48 -51.11
CA ILE C 137 22.96 -21.08 -50.80
C ILE C 137 21.76 -20.11 -50.82
N VAL C 138 21.55 -19.39 -49.71
CA VAL C 138 20.44 -18.41 -49.58
C VAL C 138 20.91 -17.01 -49.14
N VAL C 139 20.63 -16.01 -49.97
CA VAL C 139 21.05 -14.65 -49.69
C VAL C 139 19.85 -13.81 -49.27
N LEU C 140 19.86 -13.33 -48.01
CA LEU C 140 18.76 -12.55 -47.46
C LEU C 140 19.19 -11.11 -47.27
N ARG C 141 18.27 -10.18 -47.53
CA ARG C 141 18.55 -8.75 -47.42
C ARG C 141 17.56 -8.10 -46.47
N GLY C 142 18.07 -7.13 -45.72
CA GLY C 142 17.22 -6.35 -44.82
C GLY C 142 17.46 -4.88 -45.05
N ARG C 143 16.42 -4.10 -44.80
CA ARG C 143 16.45 -2.69 -44.97
C ARG C 143 15.70 -2.15 -43.79
N GLY C 144 16.30 -1.17 -43.11
CA GLY C 144 15.65 -0.52 -41.98
C GLY C 144 15.57 0.98 -42.18
N CYS C 145 14.38 1.52 -41.98
CA CYS C 145 14.10 2.91 -42.14
C CYS C 145 13.63 3.55 -40.85
N ASP C 146 13.83 4.86 -40.77
CA ASP C 146 13.30 5.65 -39.68
C ASP C 146 11.79 5.64 -39.82
N PRO C 147 11.07 5.21 -38.79
CA PRO C 147 9.61 5.09 -38.93
C PRO C 147 8.87 6.38 -39.25
N GLU C 148 9.34 7.50 -38.71
CA GLU C 148 8.64 8.78 -38.92
C GLU C 148 8.91 9.27 -40.34
N SER C 149 10.18 9.41 -40.70
CA SER C 149 10.55 9.99 -41.99
C SER C 149 10.46 9.03 -43.16
N GLY C 150 10.41 7.72 -42.88
CA GLY C 150 10.56 6.68 -43.93
C GLY C 150 11.96 6.61 -44.54
N SER C 151 12.91 7.32 -43.93
CA SER C 151 14.25 7.43 -44.51
C SER C 151 15.14 6.25 -44.12
N LEU C 152 15.88 5.75 -45.12
CA LEU C 152 16.71 4.56 -45.00
C LEU C 152 17.86 4.81 -44.04
N VAL C 153 18.02 3.94 -43.06
CA VAL C 153 19.14 4.08 -42.11
C VAL C 153 20.20 3.01 -42.30
N ALA C 154 19.76 1.78 -42.45
CA ALA C 154 20.67 0.65 -42.53
C ALA C 154 20.18 -0.41 -43.52
N GLU C 155 21.16 -1.09 -44.10
CA GLU C 155 20.95 -2.21 -44.96
C GLU C 155 21.83 -3.36 -44.47
N THR C 156 21.32 -4.57 -44.52
CA THR C 156 22.12 -5.75 -44.22
C THR C 156 21.89 -6.81 -45.30
N LEU C 157 22.91 -7.65 -45.48
CA LEU C 157 22.89 -8.71 -46.49
C LEU C 157 23.46 -9.96 -45.86
N THR C 158 22.62 -10.95 -45.71
CA THR C 158 23.01 -12.13 -44.99
C THR C 158 22.97 -13.35 -45.93
N THR C 159 24.14 -13.96 -46.12
CA THR C 159 24.32 -15.12 -47.00
C THR C 159 24.46 -16.36 -46.14
N LEU C 160 23.55 -17.32 -46.31
CA LEU C 160 23.57 -18.61 -45.60
C LEU C 160 24.01 -19.75 -46.50
N VAL C 161 25.02 -20.51 -46.09
CA VAL C 161 25.41 -21.74 -46.79
C VAL C 161 24.80 -22.93 -46.02
N LEU C 162 24.24 -23.89 -46.76
CA LEU C 162 23.50 -25.04 -46.18
C LEU C 162 24.14 -26.42 -46.48
N GLU C 174 26.06 -17.68 -59.75
CA GLU C 174 27.26 -16.84 -59.70
C GLU C 174 27.69 -16.62 -58.24
N ARG C 175 28.94 -16.93 -57.91
CA ARG C 175 29.55 -16.59 -56.61
C ARG C 175 30.33 -15.26 -56.77
N PRO C 176 29.89 -14.18 -56.07
CA PRO C 176 30.39 -12.82 -56.36
C PRO C 176 31.92 -12.67 -56.26
N ALA C 177 32.46 -11.60 -56.82
CA ALA C 177 33.91 -11.40 -56.87
C ALA C 177 34.47 -11.18 -55.47
N ALA C 178 35.40 -12.06 -55.07
CA ALA C 178 36.20 -11.82 -53.88
C ALA C 178 36.81 -10.42 -54.02
N PRO C 179 37.07 -9.72 -52.90
CA PRO C 179 37.89 -8.52 -53.03
C PRO C 179 39.28 -8.92 -53.46
N GLU C 180 40.05 -7.95 -53.95
CA GLU C 180 41.45 -8.17 -54.30
C GLU C 180 42.35 -7.70 -53.15
N PHE C 181 43.28 -8.56 -52.71
CA PHE C 181 44.24 -8.21 -51.66
C PHE C 181 45.62 -7.89 -52.26
N PRO C 182 46.21 -6.74 -51.87
CA PRO C 182 47.53 -6.33 -52.41
C PRO C 182 48.73 -7.17 -51.93
N ASP C 183 49.67 -7.48 -52.83
CA ASP C 183 50.81 -8.28 -52.41
C ASP C 183 51.81 -7.40 -51.66
N ARG C 184 51.56 -7.26 -50.35
CA ARG C 184 52.43 -6.52 -49.42
C ARG C 184 51.96 -6.72 -47.98
N HIS C 185 52.79 -6.34 -47.02
CA HIS C 185 52.47 -6.51 -45.59
C HIS C 185 51.34 -5.55 -45.23
N PRO C 186 50.41 -6.00 -44.37
CA PRO C 186 49.27 -5.17 -43.99
C PRO C 186 49.67 -3.79 -43.49
N ASP C 187 48.78 -2.82 -43.67
CA ASP C 187 48.97 -1.48 -43.14
C ASP C 187 48.82 -1.50 -41.62
N ALA C 188 47.95 -2.39 -41.13
CA ALA C 188 47.68 -2.51 -39.70
C ALA C 188 47.28 -3.94 -39.31
N ARG C 189 47.71 -4.33 -38.12
CA ARG C 189 47.27 -5.57 -37.45
C ARG C 189 46.67 -5.13 -36.12
N ILE C 190 45.39 -5.42 -35.91
CA ILE C 190 44.73 -5.03 -34.65
C ILE C 190 44.30 -6.26 -33.88
N ASP C 191 44.95 -6.49 -32.75
CA ASP C 191 44.69 -7.62 -31.90
C ASP C 191 43.71 -7.24 -30.75
N MET C 192 42.61 -8.00 -30.63
CA MET C 192 41.61 -7.79 -29.61
C MET C 192 41.27 -9.12 -28.97
N PRO C 193 41.44 -9.22 -27.64
CA PRO C 193 41.16 -10.46 -26.93
C PRO C 193 39.67 -10.73 -26.83
N THR C 194 39.35 -11.99 -26.55
CA THR C 194 38.01 -12.33 -26.13
C THR C 194 38.06 -13.08 -24.80
N ARG C 195 36.97 -13.01 -24.07
CA ARG C 195 36.85 -13.68 -22.80
C ARG C 195 36.18 -15.02 -23.04
N GLU C 196 36.44 -15.95 -22.13
CA GLU C 196 35.89 -17.31 -22.21
C GLU C 196 34.41 -17.27 -22.15
N ASP C 197 33.86 -16.22 -21.50
CA ASP C 197 32.41 -16.03 -21.44
C ASP C 197 31.87 -15.14 -22.54
N GLN C 198 32.67 -14.87 -23.56
CA GLN C 198 32.24 -13.89 -24.54
C GLN C 198 30.90 -14.26 -25.17
N ALA C 199 30.69 -15.54 -25.46
CA ALA C 199 29.48 -15.99 -26.15
C ALA C 199 28.26 -15.90 -25.23
N LEU C 200 28.49 -16.04 -23.94
CA LEU C 200 27.41 -15.95 -22.95
C LEU C 200 26.86 -14.52 -22.85
N ILE C 201 27.73 -13.53 -23.07
CA ILE C 201 27.33 -12.11 -23.16
C ILE C 201 26.74 -11.81 -24.54
N TYR C 202 27.43 -12.21 -25.60
CA TYR C 202 26.96 -11.84 -26.95
C TYR C 202 25.56 -12.37 -27.21
N ARG C 203 25.23 -13.54 -26.65
CA ARG C 203 23.94 -14.17 -26.94
C ARG C 203 22.81 -13.38 -26.31
N LEU C 204 23.15 -12.50 -25.37
CA LEU C 204 22.17 -11.64 -24.82
C LEU C 204 21.87 -10.45 -25.75
N SER C 205 22.45 -10.44 -26.96
CA SER C 205 21.91 -9.54 -27.97
C SER C 205 20.91 -10.23 -28.90
N GLY C 206 20.51 -11.45 -28.57
CA GLY C 206 19.36 -12.06 -29.24
C GLY C 206 19.52 -13.52 -29.63
N ASP C 207 20.72 -13.92 -30.03
CA ASP C 207 20.95 -15.25 -30.60
C ASP C 207 21.32 -16.30 -29.56
N ARG C 208 20.29 -16.99 -29.13
CA ARG C 208 20.37 -17.98 -28.10
C ARG C 208 20.79 -19.42 -28.55
N ASN C 209 21.12 -19.59 -29.82
CA ASN C 209 21.59 -20.86 -30.38
C ASN C 209 22.58 -21.61 -29.49
N PRO C 210 22.20 -22.81 -28.99
CA PRO C 210 23.04 -23.54 -28.03
C PRO C 210 24.40 -23.96 -28.58
N LEU C 211 24.53 -23.93 -29.91
CA LEU C 211 25.82 -24.00 -30.55
C LEU C 211 26.88 -23.16 -29.89
N HIS C 212 26.46 -21.99 -29.37
CA HIS C 212 27.42 -21.06 -28.77
C HIS C 212 27.51 -21.13 -27.27
N SER C 213 26.65 -21.93 -26.63
CA SER C 213 26.52 -21.85 -25.19
C SER C 213 26.51 -23.15 -24.45
N ASP C 214 26.08 -24.21 -25.13
CA ASP C 214 25.89 -25.48 -24.51
C ASP C 214 26.95 -26.44 -25.00
N PRO C 215 27.89 -26.81 -24.14
CA PRO C 215 28.91 -27.75 -24.54
C PRO C 215 28.38 -29.08 -25.08
N TRP C 216 27.25 -29.57 -24.55
CA TRP C 216 26.67 -30.80 -25.01
C TRP C 216 26.26 -30.68 -26.47
N PHE C 217 25.51 -29.61 -26.78
CA PHE C 217 24.99 -29.43 -28.13
C PHE C 217 26.11 -29.30 -29.12
N ALA C 218 27.11 -28.52 -28.74
CA ALA C 218 28.20 -28.20 -29.66
C ALA C 218 29.04 -29.42 -30.05
N THR C 219 29.25 -30.33 -29.10
CA THR C 219 30.11 -31.48 -29.25
C THR C 219 29.37 -32.77 -29.64
N GLN C 220 28.12 -32.96 -29.17
CA GLN C 220 27.41 -34.20 -29.45
C GLN C 220 26.45 -34.09 -30.63
N LEU C 221 26.09 -32.88 -31.04
CA LEU C 221 25.23 -32.75 -32.24
C LEU C 221 25.89 -31.94 -33.33
N ALA C 222 26.72 -30.96 -33.02
CA ALA C 222 27.22 -30.03 -34.07
C ALA C 222 28.66 -30.27 -34.48
N GLY C 223 29.37 -31.15 -33.80
CA GLY C 223 30.67 -31.58 -34.31
C GLY C 223 31.88 -30.75 -34.00
N PHE C 224 31.78 -29.91 -32.98
CA PHE C 224 32.92 -29.08 -32.57
C PHE C 224 33.51 -29.63 -31.30
N PRO C 225 34.74 -29.27 -30.96
CA PRO C 225 35.31 -29.72 -29.66
C PRO C 225 34.77 -28.98 -28.41
N LYS C 226 34.18 -27.80 -28.63
CA LYS C 226 33.57 -27.01 -27.55
C LYS C 226 32.69 -25.92 -28.17
N PRO C 227 31.93 -25.20 -27.36
CA PRO C 227 31.06 -24.26 -28.02
C PRO C 227 31.86 -23.23 -28.81
N ILE C 228 31.27 -22.72 -29.91
CA ILE C 228 31.99 -21.73 -30.73
C ILE C 228 31.39 -20.34 -30.54
N LEU C 229 32.23 -19.33 -30.74
CA LEU C 229 31.79 -17.92 -30.63
C LEU C 229 30.90 -17.63 -31.81
N HIS C 230 29.80 -16.91 -31.62
CA HIS C 230 28.98 -16.47 -32.76
C HIS C 230 29.82 -15.82 -33.86
N GLY C 231 29.61 -16.21 -35.09
CA GLY C 231 30.28 -15.52 -36.21
C GLY C 231 29.98 -14.02 -36.22
N LEU C 232 28.73 -13.65 -36.00
CA LEU C 232 28.39 -12.22 -35.90
C LEU C 232 29.14 -11.49 -34.80
N CYS C 233 29.64 -12.24 -33.80
CA CYS C 233 30.43 -11.65 -32.72
C CYS C 233 31.79 -11.30 -33.23
N THR C 234 32.46 -12.27 -33.84
CA THR C 234 33.75 -12.05 -34.51
C THR C 234 33.70 -10.87 -35.49
N TYR C 235 32.62 -10.79 -36.23
CA TYR C 235 32.32 -9.70 -37.16
C TYR C 235 32.33 -8.36 -36.38
N GLY C 236 31.68 -8.35 -35.23
CA GLY C 236 31.67 -7.15 -34.37
C GLY C 236 33.03 -6.77 -33.86
N VAL C 237 33.83 -7.76 -33.53
CA VAL C 237 35.16 -7.48 -33.05
C VAL C 237 35.95 -6.89 -34.20
N ALA C 238 35.77 -7.44 -35.41
CA ALA C 238 36.48 -6.89 -36.57
C ALA C 238 35.93 -5.50 -36.81
N GLY C 239 34.63 -5.32 -36.65
CA GLY C 239 34.04 -4.00 -36.72
C GLY C 239 34.74 -2.98 -35.85
N ARG C 240 35.10 -3.39 -34.62
CA ARG C 240 35.75 -2.50 -33.67
C ARG C 240 37.11 -2.19 -34.14
N ALA C 241 37.79 -3.18 -34.71
CA ALA C 241 39.14 -2.98 -35.25
C ALA C 241 39.08 -1.93 -36.36
N LEU C 242 38.09 -2.06 -37.21
CA LEU C 242 37.96 -1.13 -38.32
C LEU C 242 37.73 0.32 -37.83
N VAL C 243 36.80 0.48 -36.87
CA VAL C 243 36.45 1.79 -36.29
C VAL C 243 37.65 2.49 -35.68
N ALA C 244 38.53 1.73 -35.03
CA ALA C 244 39.71 2.33 -34.42
C ALA C 244 40.74 2.78 -35.45
N GLU C 245 41.02 1.90 -36.41
CA GLU C 245 42.13 2.09 -37.35
C GLU C 245 41.73 2.99 -38.51
N LEU C 246 40.52 2.85 -38.99
CA LEU C 246 40.11 3.57 -40.17
C LEU C 246 39.09 4.66 -39.88
N GLY C 247 38.39 4.54 -38.74
CA GLY C 247 37.35 5.49 -38.40
C GLY C 247 37.80 6.61 -37.50
N GLY C 248 39.03 6.51 -37.00
CA GLY C 248 39.52 7.48 -36.03
C GLY C 248 38.84 7.33 -34.66
N GLY C 249 38.31 6.14 -34.38
CA GLY C 249 37.52 5.93 -33.16
C GLY C 249 36.08 6.44 -33.27
N VAL C 250 35.73 7.03 -34.42
CA VAL C 250 34.39 7.51 -34.65
C VAL C 250 33.69 6.48 -35.50
N ALA C 251 32.77 5.76 -34.86
CA ALA C 251 32.12 4.61 -35.47
C ALA C 251 31.25 4.98 -36.65
N ALA C 252 30.67 6.17 -36.61
CA ALA C 252 29.90 6.65 -37.75
C ALA C 252 30.72 6.66 -39.03
N ASN C 253 32.04 6.78 -38.91
CA ASN C 253 32.88 6.98 -40.07
C ASN C 253 33.02 5.73 -40.93
N ILE C 254 32.52 4.60 -40.43
CA ILE C 254 32.61 3.34 -41.13
C ILE C 254 31.23 3.14 -41.69
N THR C 255 31.12 3.18 -43.02
CA THR C 255 29.84 3.10 -43.76
C THR C 255 29.34 1.70 -44.12
N SER C 256 30.27 0.80 -44.42
CA SER C 256 29.90 -0.54 -44.87
C SER C 256 31.01 -1.49 -44.53
N ILE C 257 30.64 -2.70 -44.14
CA ILE C 257 31.57 -3.78 -43.81
C ILE C 257 30.94 -5.06 -44.35
N ALA C 258 31.75 -5.88 -44.99
CA ALA C 258 31.31 -7.17 -45.52
C ALA C 258 32.40 -8.17 -45.31
N ALA C 259 32.06 -9.38 -44.86
CA ALA C 259 33.09 -10.40 -44.79
C ALA C 259 32.51 -11.80 -44.87
N ARG C 260 33.41 -12.76 -45.10
CA ARG C 260 33.01 -14.16 -45.24
C ARG C 260 33.56 -14.91 -44.05
N PHE C 261 32.74 -15.81 -43.48
CA PHE C 261 33.13 -16.61 -42.32
C PHE C 261 33.75 -17.95 -42.77
N THR C 262 35.04 -18.14 -42.47
CA THR C 262 35.80 -19.24 -43.07
C THR C 262 36.19 -20.38 -42.13
N LYS C 263 36.45 -20.06 -40.86
CA LYS C 263 36.67 -21.06 -39.82
C LYS C 263 36.09 -20.57 -38.50
N PRO C 264 35.88 -21.48 -37.52
CA PRO C 264 35.19 -21.09 -36.30
C PRO C 264 36.16 -20.46 -35.35
N VAL C 265 35.63 -19.69 -34.40
CA VAL C 265 36.44 -19.05 -33.37
C VAL C 265 35.96 -19.62 -32.06
N PHE C 266 36.81 -19.77 -31.05
CA PHE C 266 36.33 -20.22 -29.74
C PHE C 266 36.51 -19.10 -28.70
N PRO C 267 35.55 -18.98 -27.77
CA PRO C 267 35.63 -17.89 -26.81
C PRO C 267 36.86 -17.99 -25.99
N GLY C 268 37.57 -16.88 -25.88
CA GLY C 268 38.87 -16.81 -25.17
C GLY C 268 40.01 -16.54 -26.13
N GLU C 269 39.76 -16.73 -27.43
CA GLU C 269 40.82 -16.53 -28.44
C GLU C 269 40.99 -15.07 -28.79
N THR C 270 42.22 -14.66 -29.08
CA THR C 270 42.54 -13.31 -29.54
C THR C 270 42.29 -13.27 -31.03
N LEU C 271 41.55 -12.26 -31.47
CA LEU C 271 41.24 -12.10 -32.86
C LEU C 271 42.06 -10.95 -33.43
N SER C 272 42.84 -11.25 -34.46
CA SER C 272 43.80 -10.33 -35.03
C SER C 272 43.34 -9.88 -36.42
N THR C 273 42.98 -8.60 -36.55
CA THR C 273 42.42 -8.08 -37.78
C THR C 273 43.52 -7.38 -38.58
N VAL C 274 43.74 -7.86 -39.81
CA VAL C 274 44.83 -7.38 -40.67
C VAL C 274 44.19 -6.55 -41.75
N ILE C 275 44.68 -5.33 -41.91
CA ILE C 275 43.96 -4.34 -42.69
C ILE C 275 44.85 -3.70 -43.75
N TRP C 276 44.32 -3.57 -44.96
CA TRP C 276 45.00 -2.86 -46.05
C TRP C 276 44.14 -1.74 -46.57
N ARG C 277 44.69 -0.53 -46.61
CA ARG C 277 44.05 0.60 -47.27
CA ARG C 277 44.05 0.60 -47.26
C ARG C 277 44.32 0.50 -48.76
N THR C 278 43.26 0.39 -49.54
CA THR C 278 43.38 0.27 -50.98
C THR C 278 43.20 1.67 -51.56
N GLU C 279 41.96 1.97 -51.86
CA GLU C 279 41.55 3.10 -52.64
C GLU C 279 41.03 4.06 -51.57
N PRO C 280 41.11 5.39 -51.80
CA PRO C 280 40.65 6.28 -50.73
C PRO C 280 39.26 5.90 -50.23
N GLY C 281 39.09 5.94 -48.90
CA GLY C 281 37.78 5.66 -48.30
C GLY C 281 37.33 4.21 -48.40
N ARG C 282 38.29 3.31 -48.68
CA ARG C 282 38.04 1.89 -48.89
C ARG C 282 39.22 1.08 -48.35
N ALA C 283 38.94 -0.16 -47.96
CA ALA C 283 39.97 -1.05 -47.48
C ALA C 283 39.49 -2.47 -47.57
N VAL C 284 40.42 -3.41 -47.36
CA VAL C 284 40.12 -4.83 -47.33
C VAL C 284 40.79 -5.42 -46.10
N PHE C 285 40.24 -6.51 -45.57
CA PHE C 285 40.81 -7.10 -44.37
C PHE C 285 40.50 -8.58 -44.25
N ARG C 286 41.24 -9.19 -43.35
CA ARG C 286 40.89 -10.50 -42.82
C ARG C 286 41.05 -10.45 -41.29
N THR C 287 40.44 -11.42 -40.62
CA THR C 287 40.62 -11.59 -39.19
C THR C 287 41.05 -13.03 -38.93
N GLU C 288 42.10 -13.15 -38.15
CA GLU C 288 42.83 -14.37 -37.94
C GLU C 288 42.98 -14.59 -36.45
N VAL C 289 43.01 -15.85 -36.06
CA VAL C 289 43.51 -16.26 -34.76
C VAL C 289 44.93 -16.80 -35.00
N ALA C 290 45.91 -16.17 -34.36
CA ALA C 290 47.31 -16.61 -34.36
C ALA C 290 47.46 -18.07 -33.95
N GLY C 291 48.12 -18.86 -34.81
CA GLY C 291 48.31 -20.29 -34.61
C GLY C 291 49.25 -20.57 -33.45
N SER C 292 49.22 -21.82 -32.96
CA SER C 292 50.05 -22.27 -31.83
C SER C 292 51.10 -23.32 -32.26
N ALA C 295 52.35 -23.06 -35.43
CA ALA C 295 51.52 -23.42 -36.60
C ALA C 295 51.11 -22.19 -37.41
N GLU C 296 50.43 -22.43 -38.54
CA GLU C 296 49.97 -21.32 -39.39
C GLU C 296 48.74 -20.66 -38.75
N ALA C 297 48.63 -19.35 -38.92
CA ALA C 297 47.47 -18.61 -38.40
C ALA C 297 46.20 -19.08 -39.12
N ARG C 298 45.13 -19.21 -38.34
CA ARG C 298 43.84 -19.66 -38.81
C ARG C 298 43.07 -18.42 -39.21
N VAL C 299 42.49 -18.41 -40.41
CA VAL C 299 41.79 -17.26 -40.96
C VAL C 299 40.34 -17.50 -40.68
N VAL C 300 39.69 -16.58 -39.95
CA VAL C 300 38.32 -16.86 -39.52
C VAL C 300 37.31 -15.97 -40.22
N LEU C 301 37.77 -14.80 -40.64
CA LEU C 301 37.00 -13.95 -41.52
C LEU C 301 37.88 -13.61 -42.71
N ASP C 302 37.32 -13.70 -43.91
CA ASP C 302 38.09 -13.44 -45.13
C ASP C 302 37.29 -12.53 -46.04
N ASP C 303 37.94 -12.08 -47.12
CA ASP C 303 37.24 -11.34 -48.19
C ASP C 303 36.59 -10.09 -47.62
N GLY C 304 37.22 -9.53 -46.59
CA GLY C 304 36.67 -8.37 -45.91
C GLY C 304 36.88 -7.10 -46.74
N ALA C 305 35.82 -6.30 -46.83
CA ALA C 305 35.85 -5.05 -47.54
C ALA C 305 35.09 -4.00 -46.69
N VAL C 306 35.69 -2.82 -46.58
CA VAL C 306 35.12 -1.75 -45.83
C VAL C 306 35.06 -0.49 -46.66
N GLU C 307 34.00 0.28 -46.49
CA GLU C 307 33.97 1.70 -46.93
C GLU C 307 33.81 2.61 -45.71
N TYR C 308 34.63 3.64 -45.67
CA TYR C 308 34.62 4.57 -44.58
C TYR C 308 34.79 6.00 -45.10
N VAL C 309 34.60 6.97 -44.20
CA VAL C 309 34.80 8.36 -44.52
C VAL C 309 35.92 8.86 -43.64
N ALA C 310 36.74 9.74 -44.19
CA ALA C 310 37.84 10.37 -43.44
C ALA C 310 37.44 11.81 -43.10
N ILE D 24 -42.96 37.52 4.52
CA ILE D 24 -43.90 36.40 4.22
C ILE D 24 -44.77 36.70 3.01
N ASP D 25 -44.58 35.95 1.92
CA ASP D 25 -45.33 36.17 0.69
C ASP D 25 -46.61 35.29 0.60
N PRO D 26 -47.79 35.88 0.88
CA PRO D 26 -49.07 35.25 0.63
C PRO D 26 -49.23 34.56 -0.71
N ASN D 27 -48.53 35.06 -1.74
CA ASN D 27 -48.58 34.45 -3.08
C ASN D 27 -47.60 33.28 -3.25
N SER D 28 -46.80 32.99 -2.22
CA SER D 28 -45.93 31.81 -2.25
C SER D 28 -46.71 30.51 -2.13
N ILE D 29 -47.97 30.55 -1.67
CA ILE D 29 -48.79 29.34 -1.65
C ILE D 29 -48.67 28.71 -3.05
N GLY D 30 -48.47 27.39 -3.08
CA GLY D 30 -48.34 26.63 -4.33
C GLY D 30 -46.92 26.45 -4.80
N ALA D 31 -45.98 27.20 -4.21
CA ALA D 31 -44.58 27.14 -4.66
C ALA D 31 -43.99 25.79 -4.26
N VAL D 32 -43.16 25.19 -5.13
CA VAL D 32 -42.57 23.89 -4.86
C VAL D 32 -41.05 23.97 -4.90
N THR D 33 -40.39 23.11 -4.14
CA THR D 33 -38.95 22.94 -4.24
C THR D 33 -38.65 21.97 -5.38
N GLU D 34 -37.43 22.08 -5.90
CA GLU D 34 -36.87 21.08 -6.84
C GLU D 34 -36.64 19.73 -6.12
N PRO D 35 -36.82 18.60 -6.83
CA PRO D 35 -36.49 17.31 -6.25
C PRO D 35 -35.15 17.29 -5.52
N MET D 36 -35.16 16.69 -4.32
CA MET D 36 -33.97 16.55 -3.52
C MET D 36 -33.90 15.11 -3.07
N LEU D 37 -32.68 14.59 -3.06
CA LEU D 37 -32.42 13.22 -2.74
C LEU D 37 -32.05 13.12 -1.28
N PHE D 38 -32.78 12.32 -0.51
CA PHE D 38 -32.35 11.99 0.85
CA PHE D 38 -32.40 11.99 0.86
C PHE D 38 -32.02 10.52 0.91
N GLU D 39 -30.77 10.25 1.28
CA GLU D 39 -30.23 8.90 1.36
C GLU D 39 -29.84 8.60 2.79
N TRP D 40 -30.18 7.39 3.23
CA TRP D 40 -29.78 6.92 4.55
C TRP D 40 -29.31 5.46 4.59
N THR D 41 -28.48 5.16 5.59
CA THR D 41 -28.05 3.80 5.82
C THR D 41 -28.60 3.37 7.17
N ASP D 42 -28.35 2.13 7.55
CA ASP D 42 -28.94 1.61 8.74
C ASP D 42 -28.52 2.36 9.99
N ARG D 43 -27.34 2.90 9.97
CA ARG D 43 -26.84 3.70 11.10
C ARG D 43 -27.77 4.88 11.41
N ASP D 44 -28.34 5.48 10.36
CA ASP D 44 -29.21 6.61 10.49
C ASP D 44 -30.53 6.19 11.12
N THR D 45 -31.09 5.05 10.69
CA THR D 45 -32.37 4.63 11.20
C THR D 45 -32.26 4.09 12.66
N LEU D 46 -31.14 3.48 12.98
CA LEU D 46 -30.86 3.04 14.34
C LEU D 46 -30.67 4.23 15.31
N LEU D 47 -29.88 5.22 14.87
CA LEU D 47 -29.63 6.45 15.63
C LEU D 47 -30.91 7.24 15.84
N TYR D 48 -31.74 7.33 14.82
CA TYR D 48 -33.07 7.92 15.01
C TYR D 48 -33.85 7.22 16.13
N ALA D 49 -33.95 5.91 16.05
CA ALA D 49 -34.73 5.12 17.01
C ALA D 49 -34.20 5.35 18.41
N ILE D 50 -32.88 5.41 18.59
CA ILE D 50 -32.33 5.64 19.92
C ILE D 50 -32.65 7.09 20.31
N GLY D 51 -32.65 7.96 19.31
CA GLY D 51 -32.95 9.38 19.50
C GLY D 51 -34.33 9.61 20.04
N VAL D 52 -35.29 8.75 19.67
CA VAL D 52 -36.62 8.80 20.22
C VAL D 52 -36.80 7.76 21.30
N GLY D 53 -35.73 7.32 21.93
CA GLY D 53 -35.88 6.61 23.19
C GLY D 53 -35.99 5.09 23.17
N ALA D 54 -35.84 4.47 22.00
CA ALA D 54 -35.81 3.02 21.88
C ALA D 54 -34.49 2.55 22.48
N GLY D 55 -34.44 1.33 23.00
CA GLY D 55 -33.29 0.84 23.75
C GLY D 55 -33.18 -0.67 23.63
N THR D 56 -32.62 -1.31 24.65
CA THR D 56 -32.36 -2.73 24.62
C THR D 56 -33.65 -3.56 24.67
N GLY D 57 -34.73 -2.98 25.18
CA GLY D 57 -36.03 -3.63 25.07
C GLY D 57 -36.66 -3.50 23.68
N ASP D 58 -35.95 -2.92 22.70
CA ASP D 58 -36.52 -2.69 21.39
C ASP D 58 -35.54 -3.08 20.30
N LEU D 59 -35.13 -4.34 20.27
CA LEU D 59 -34.03 -4.75 19.42
C LEU D 59 -34.36 -4.62 17.94
N ALA D 60 -35.62 -4.77 17.57
CA ALA D 60 -36.05 -4.59 16.17
C ALA D 60 -35.81 -3.20 15.65
N PHE D 61 -35.80 -2.20 16.55
CA PHE D 61 -35.59 -0.79 16.16
C PHE D 61 -34.17 -0.28 16.37
N THR D 62 -33.48 -0.86 17.35
CA THR D 62 -32.17 -0.42 17.76
C THR D 62 -30.98 -1.30 17.29
N THR D 63 -31.25 -2.46 16.69
CA THR D 63 -30.21 -3.32 16.18
C THR D 63 -30.61 -3.89 14.83
N GLU D 64 -29.61 -4.25 14.01
CA GLU D 64 -29.81 -4.76 12.64
C GLU D 64 -29.47 -6.25 12.51
N ASN D 65 -28.59 -6.75 13.37
CA ASN D 65 -28.02 -8.09 13.25
C ASN D 65 -28.23 -8.93 14.49
N SER D 66 -29.29 -8.70 15.23
CA SER D 66 -29.65 -9.55 16.34
C SER D 66 -30.32 -10.84 15.80
N HIS D 67 -29.92 -11.98 16.36
CA HIS D 67 -30.46 -13.28 15.96
C HIS D 67 -31.97 -13.25 15.92
N GLY D 68 -32.52 -13.52 14.73
CA GLY D 68 -33.96 -13.75 14.57
C GLY D 68 -34.80 -12.47 14.40
N ILE D 69 -34.14 -11.32 14.28
CA ILE D 69 -34.82 -10.03 14.29
C ILE D 69 -34.33 -9.16 13.18
N ASP D 70 -35.21 -8.93 12.22
CA ASP D 70 -35.00 -7.98 11.17
C ASP D 70 -35.26 -6.57 11.70
N GLN D 71 -34.40 -5.65 11.31
CA GLN D 71 -34.60 -4.25 11.68
C GLN D 71 -35.92 -3.75 11.11
N GLN D 72 -36.67 -3.01 11.91
CA GLN D 72 -37.81 -2.28 11.37
C GLN D 72 -37.54 -0.81 11.57
N VAL D 73 -38.03 0.07 10.70
CA VAL D 73 -37.85 1.49 10.82
C VAL D 73 -39.12 2.12 11.38
N LEU D 74 -39.02 2.87 12.46
CA LEU D 74 -40.18 3.60 12.98
C LEU D 74 -40.77 4.54 11.90
N PRO D 75 -42.09 4.54 11.74
CA PRO D 75 -42.68 5.30 10.66
C PRO D 75 -42.48 6.82 10.84
N THR D 76 -42.30 7.31 12.06
CA THR D 76 -41.98 8.73 12.23
C THR D 76 -40.64 9.10 11.64
N TYR D 77 -39.84 8.12 11.19
CA TYR D 77 -38.62 8.46 10.51
C TYR D 77 -38.95 9.26 9.22
N ALA D 78 -40.20 9.25 8.75
CA ALA D 78 -40.56 10.12 7.59
C ALA D 78 -40.23 11.59 7.80
N VAL D 79 -40.37 12.10 9.04
CA VAL D 79 -40.10 13.54 9.24
C VAL D 79 -38.66 13.84 9.00
N ILE D 80 -37.83 12.80 8.92
CA ILE D 80 -36.42 13.02 8.72
C ILE D 80 -36.01 12.83 7.28
N CYS D 81 -36.50 11.76 6.66
CA CYS D 81 -36.16 11.43 5.27
C CYS D 81 -37.11 12.03 4.24
N CYS D 82 -38.19 12.67 4.68
CA CYS D 82 -39.13 13.34 3.75
C CYS D 82 -39.51 14.66 4.36
N PRO D 83 -38.51 15.50 4.65
CA PRO D 83 -38.77 16.70 5.39
C PRO D 83 -39.45 17.80 4.54
N ALA D 84 -40.56 18.35 5.07
CA ALA D 84 -41.32 19.42 4.41
C ALA D 84 -40.68 20.82 4.60
N PHE D 85 -39.63 20.89 5.40
CA PHE D 85 -39.05 22.16 5.80
C PHE D 85 -38.37 22.92 4.67
N GLY D 86 -37.88 22.21 3.66
CA GLY D 86 -37.25 22.88 2.50
C GLY D 86 -38.13 23.97 1.85
N ALA D 87 -39.45 23.86 2.02
CA ALA D 87 -40.39 24.79 1.39
C ALA D 87 -40.49 26.10 2.14
N ALA D 88 -40.03 26.14 3.39
CA ALA D 88 -40.10 27.36 4.19
C ALA D 88 -39.35 28.51 3.49
N ALA D 89 -38.15 28.23 2.99
CA ALA D 89 -37.39 29.27 2.29
C ALA D 89 -38.15 29.94 1.13
N LYS D 90 -39.17 29.28 0.59
CA LYS D 90 -40.00 29.86 -0.49
C LYS D 90 -41.02 30.89 0.05
N VAL D 91 -41.23 30.86 1.36
CA VAL D 91 -42.21 31.72 2.04
C VAL D 91 -41.64 33.10 2.44
N ALA D 97 -37.68 28.84 12.91
CA ALA D 97 -39.09 28.51 12.69
C ALA D 97 -39.62 27.46 13.70
N ALA D 98 -40.46 27.91 14.65
CA ALA D 98 -40.91 27.11 15.82
C ALA D 98 -42.07 26.10 15.62
N LEU D 99 -41.91 24.89 16.18
CA LEU D 99 -42.86 23.78 16.01
C LEU D 99 -43.93 23.76 17.12
N LEU D 100 -43.55 24.17 18.35
CA LEU D 100 -44.48 24.38 19.50
C LEU D 100 -45.64 25.24 19.03
N HIS D 101 -46.83 24.92 19.51
CA HIS D 101 -48.08 25.46 18.91
C HIS D 101 -48.44 24.84 17.55
N GLY D 102 -47.42 24.37 16.82
CA GLY D 102 -47.58 23.79 15.48
C GLY D 102 -48.07 22.36 15.49
N SER D 103 -47.96 21.69 14.33
CA SER D 103 -48.51 20.34 14.16
C SER D 103 -47.72 19.55 13.12
N GLN D 104 -47.87 18.24 13.15
CA GLN D 104 -47.13 17.37 12.22
C GLN D 104 -47.99 16.17 11.85
N GLY D 105 -47.99 15.86 10.55
CA GLY D 105 -48.60 14.66 10.07
C GLY D 105 -47.64 13.85 9.24
N ILE D 106 -47.83 12.53 9.27
CA ILE D 106 -47.16 11.68 8.31
C ILE D 106 -48.14 10.65 7.77
N ARG D 107 -47.85 10.15 6.58
CA ARG D 107 -48.59 9.06 5.97
C ARG D 107 -47.60 8.23 5.19
N LEU D 108 -47.57 6.93 5.51
CA LEU D 108 -46.72 5.99 4.80
C LEU D 108 -47.55 5.07 3.91
N HIS D 109 -47.04 4.79 2.72
CA HIS D 109 -47.65 3.89 1.74
C HIS D 109 -46.89 2.58 1.66
N ALA D 110 -45.75 2.53 2.33
CA ALA D 110 -44.97 1.32 2.40
C ALA D 110 -44.06 1.46 3.63
N PRO D 111 -43.47 0.34 4.08
CA PRO D 111 -42.49 0.44 5.16
C PRO D 111 -41.26 1.21 4.70
N LEU D 112 -40.61 1.94 5.59
CA LEU D 112 -39.37 2.58 5.27
C LEU D 112 -38.27 1.55 5.42
N PRO D 113 -37.38 1.45 4.43
CA PRO D 113 -36.32 0.48 4.60
C PRO D 113 -35.22 1.02 5.49
N ALA D 114 -34.52 0.09 6.18
CA ALA D 114 -33.42 0.43 7.10
C ALA D 114 -32.37 1.33 6.48
N ALA D 115 -32.00 1.00 5.25
CA ALA D 115 -31.15 1.80 4.40
C ALA D 115 -31.96 2.05 3.15
N GLY D 116 -31.79 3.23 2.57
CA GLY D 116 -32.46 3.56 1.33
C GLY D 116 -32.36 5.03 0.98
N LYS D 117 -33.30 5.45 0.14
CA LYS D 117 -33.37 6.82 -0.34
C LYS D 117 -34.75 7.19 -0.85
N LEU D 118 -35.01 8.49 -0.88
CA LEU D 118 -36.24 9.02 -1.42
C LEU D 118 -35.93 10.30 -2.20
N SER D 119 -36.68 10.50 -3.27
CA SER D 119 -36.65 11.77 -3.99
C SER D 119 -37.76 12.56 -3.35
N VAL D 120 -37.43 13.74 -2.84
CA VAL D 120 -38.36 14.52 -2.02
C VAL D 120 -38.65 15.84 -2.65
N VAL D 121 -39.94 16.20 -2.67
CA VAL D 121 -40.42 17.49 -3.14
C VAL D 121 -41.28 18.06 -2.05
N THR D 122 -41.20 19.37 -1.86
CA THR D 122 -42.00 20.06 -0.85
C THR D 122 -42.81 21.19 -1.48
N GLU D 123 -43.99 21.46 -0.91
CA GLU D 123 -44.87 22.54 -1.34
C GLU D 123 -45.32 23.44 -0.17
N VAL D 124 -45.51 24.73 -0.45
CA VAL D 124 -46.15 25.60 0.52
C VAL D 124 -47.64 25.32 0.37
N ALA D 125 -48.20 24.56 1.31
CA ALA D 125 -49.61 24.10 1.20
C ALA D 125 -50.66 25.15 1.55
N ASP D 126 -50.32 26.04 2.45
CA ASP D 126 -51.25 27.08 2.88
C ASP D 126 -50.43 28.10 3.66
N ILE D 127 -50.87 29.35 3.62
CA ILE D 127 -50.38 30.38 4.51
C ILE D 127 -51.62 31.11 5.03
N GLN D 128 -51.72 31.23 6.35
CA GLN D 128 -52.89 31.82 6.97
C GLN D 128 -52.49 33.08 7.72
N ASP D 129 -53.39 34.05 7.70
CA ASP D 129 -53.11 35.38 8.23
C ASP D 129 -54.33 35.92 8.97
N LYS D 130 -54.12 36.26 10.24
CA LYS D 130 -54.90 37.30 10.94
C LYS D 130 -53.97 37.89 12.00
N GLY D 131 -53.84 39.22 12.05
CA GLY D 131 -52.95 39.85 13.03
C GLY D 131 -52.93 41.37 13.14
N GLU D 132 -51.98 41.91 13.91
CA GLU D 132 -51.01 41.12 14.70
C GLU D 132 -51.68 40.01 15.57
N ALA D 136 -50.30 34.23 12.17
CA ALA D 136 -49.40 33.66 11.15
C ALA D 136 -49.34 32.11 11.22
N ILE D 137 -49.65 31.44 10.12
CA ILE D 137 -49.56 29.97 10.02
C ILE D 137 -49.03 29.56 8.64
N VAL D 138 -47.90 28.84 8.61
CA VAL D 138 -47.35 28.23 7.38
C VAL D 138 -47.55 26.72 7.41
N VAL D 139 -48.17 26.16 6.36
CA VAL D 139 -48.31 24.73 6.25
C VAL D 139 -47.47 24.20 5.09
N LEU D 140 -46.46 23.37 5.40
CA LEU D 140 -45.56 22.81 4.40
C LEU D 140 -45.85 21.35 4.16
N ARG D 141 -45.76 20.91 2.92
CA ARG D 141 -46.14 19.56 2.58
C ARG D 141 -44.93 18.91 1.93
N GLY D 142 -44.79 17.60 2.08
CA GLY D 142 -43.63 16.91 1.55
C GLY D 142 -44.08 15.66 0.84
N ARG D 143 -43.42 15.34 -0.26
CA ARG D 143 -43.66 14.07 -0.90
C ARG D 143 -42.35 13.38 -1.13
N GLY D 144 -42.24 12.13 -0.69
CA GLY D 144 -41.04 11.32 -0.90
C GLY D 144 -41.33 10.10 -1.76
N CYS D 145 -40.64 9.98 -2.88
CA CYS D 145 -40.80 8.84 -3.78
C CYS D 145 -39.55 7.97 -3.83
N ASP D 146 -39.78 6.66 -3.89
CA ASP D 146 -38.73 5.69 -4.19
C ASP D 146 -38.15 6.00 -5.57
N PRO D 147 -36.84 6.30 -5.66
CA PRO D 147 -36.34 6.75 -6.95
C PRO D 147 -36.15 5.63 -7.97
N GLU D 148 -36.14 4.38 -7.51
CA GLU D 148 -36.00 3.23 -8.39
C GLU D 148 -37.29 3.07 -9.19
N SER D 149 -38.39 2.84 -8.47
CA SER D 149 -39.71 2.66 -9.06
C SER D 149 -40.49 3.95 -9.35
N GLY D 150 -40.06 5.07 -8.77
CA GLY D 150 -40.86 6.31 -8.79
C GLY D 150 -42.10 6.28 -7.92
N SER D 151 -42.29 5.20 -7.18
CA SER D 151 -43.47 5.05 -6.35
C SER D 151 -43.46 5.99 -5.09
N LEU D 152 -44.65 6.49 -4.75
CA LEU D 152 -44.88 7.37 -3.58
C LEU D 152 -44.71 6.53 -2.31
N VAL D 153 -43.75 6.90 -1.46
CA VAL D 153 -43.54 6.19 -0.20
C VAL D 153 -44.05 6.99 1.01
N ALA D 154 -43.72 8.28 1.04
CA ALA D 154 -44.04 9.10 2.22
C ALA D 154 -44.60 10.48 1.86
N GLU D 155 -45.59 10.92 2.64
CA GLU D 155 -46.12 12.30 2.61
C GLU D 155 -46.04 12.91 4.01
N THR D 156 -45.73 14.19 4.07
CA THR D 156 -45.67 14.85 5.37
C THR D 156 -46.36 16.23 5.33
N LEU D 157 -46.92 16.60 6.47
CA LEU D 157 -47.59 17.87 6.65
C LEU D 157 -47.08 18.52 7.94
N THR D 158 -46.34 19.61 7.78
CA THR D 158 -45.80 20.34 8.90
C THR D 158 -46.43 21.71 8.97
N THR D 159 -47.15 21.93 10.04
CA THR D 159 -47.87 23.16 10.26
C THR D 159 -47.09 24.02 11.28
N LEU D 160 -46.62 25.18 10.84
CA LEU D 160 -45.89 26.12 11.70
C LEU D 160 -46.80 27.26 12.15
N VAL D 161 -46.91 27.50 13.46
CA VAL D 161 -47.62 28.69 13.98
C VAL D 161 -46.61 29.70 14.56
N LEU D 162 -46.63 30.93 14.04
CA LEU D 162 -45.81 32.03 14.59
C LEU D 162 -46.52 33.42 14.48
N GLY D 173 -57.34 32.42 7.49
CA GLY D 173 -58.23 31.43 6.84
C GLY D 173 -59.11 30.62 7.80
N GLU D 174 -59.36 29.34 7.46
CA GLU D 174 -60.08 28.39 8.36
C GLU D 174 -59.19 27.27 8.95
N ARG D 175 -59.32 27.01 10.26
CA ARG D 175 -58.58 25.93 10.94
C ARG D 175 -59.25 24.57 10.74
N PRO D 176 -58.45 23.50 10.50
CA PRO D 176 -59.09 22.20 10.19
C PRO D 176 -59.66 21.51 11.43
N ALA D 177 -60.56 20.55 11.17
CA ALA D 177 -61.32 19.88 12.21
C ALA D 177 -60.39 19.21 13.19
N ALA D 178 -60.56 19.51 14.48
CA ALA D 178 -59.87 18.79 15.55
C ALA D 178 -60.59 17.45 15.73
N PRO D 179 -59.84 16.35 15.92
CA PRO D 179 -60.47 15.03 16.02
C PRO D 179 -61.26 14.88 17.32
N GLU D 180 -62.27 14.01 17.30
CA GLU D 180 -63.18 13.90 18.43
C GLU D 180 -62.75 12.81 19.41
N PHE D 181 -62.63 13.21 20.67
CA PHE D 181 -62.25 12.29 21.72
C PHE D 181 -63.49 11.76 22.42
N PRO D 182 -63.64 10.43 22.47
CA PRO D 182 -64.74 9.78 23.19
C PRO D 182 -64.84 10.19 24.66
N ASP D 183 -66.07 10.21 25.18
CA ASP D 183 -66.30 10.49 26.59
C ASP D 183 -66.21 9.19 27.38
N ARG D 184 -64.99 8.67 27.50
CA ARG D 184 -64.66 7.50 28.33
C ARG D 184 -63.18 7.58 28.71
N HIS D 185 -62.66 6.61 29.45
CA HIS D 185 -61.23 6.58 29.79
CA HIS D 185 -61.23 6.64 29.77
C HIS D 185 -60.46 6.01 28.62
N PRO D 186 -59.16 6.36 28.49
CA PRO D 186 -58.36 5.76 27.40
C PRO D 186 -58.35 4.24 27.40
N ASP D 187 -58.34 3.65 26.21
CA ASP D 187 -58.14 2.21 26.06
C ASP D 187 -56.73 1.80 26.51
N ALA D 188 -55.76 2.71 26.37
CA ALA D 188 -54.38 2.41 26.80
C ALA D 188 -53.65 3.68 27.23
N ARG D 189 -52.76 3.50 28.21
CA ARG D 189 -51.83 4.51 28.65
C ARG D 189 -50.44 3.88 28.66
N ILE D 190 -49.57 4.40 27.80
CA ILE D 190 -48.22 3.86 27.63
C ILE D 190 -47.20 4.91 28.04
N ASP D 191 -46.46 4.60 29.09
CA ASP D 191 -45.49 5.51 29.66
C ASP D 191 -44.13 5.24 29.06
N MET D 192 -43.46 6.27 28.58
CA MET D 192 -42.07 6.10 28.08
C MET D 192 -41.15 7.15 28.62
N PRO D 193 -40.08 6.71 29.32
CA PRO D 193 -39.18 7.67 29.88
C PRO D 193 -38.31 8.27 28.82
N THR D 194 -37.75 9.44 29.14
CA THR D 194 -36.67 9.99 28.36
C THR D 194 -35.45 10.18 29.27
N ARG D 195 -34.29 10.22 28.63
CA ARG D 195 -33.06 10.56 29.28
C ARG D 195 -32.80 12.06 29.19
N GLU D 196 -31.94 12.52 30.07
CA GLU D 196 -31.66 13.95 30.17
C GLU D 196 -30.77 14.39 29.05
N ASP D 197 -30.10 13.44 28.42
CA ASP D 197 -29.29 13.69 27.27
C ASP D 197 -30.06 13.43 25.97
N GLN D 198 -31.38 13.24 26.04
CA GLN D 198 -32.12 12.77 24.89
C GLN D 198 -31.95 13.71 23.72
N ALA D 199 -31.94 15.00 24.00
CA ALA D 199 -31.91 15.97 22.94
C ALA D 199 -30.56 15.90 22.22
N LEU D 200 -29.53 15.60 22.99
CA LEU D 200 -28.20 15.51 22.46
C LEU D 200 -28.06 14.38 21.44
N ILE D 201 -28.85 13.32 21.62
CA ILE D 201 -28.87 12.22 20.69
C ILE D 201 -29.82 12.54 19.54
N TYR D 202 -31.00 13.05 19.86
CA TYR D 202 -32.03 13.24 18.81
C TYR D 202 -31.59 14.23 17.74
N ARG D 203 -30.84 15.24 18.18
CA ARG D 203 -30.37 16.28 17.31
C ARG D 203 -29.37 15.73 16.31
N LEU D 204 -28.82 14.53 16.54
CA LEU D 204 -27.98 13.92 15.50
C LEU D 204 -28.78 13.24 14.39
N SER D 205 -30.10 13.37 14.43
CA SER D 205 -30.92 13.11 13.25
C SER D 205 -31.15 14.38 12.38
N GLY D 206 -30.45 15.47 12.66
CA GLY D 206 -30.41 16.62 11.74
C GLY D 206 -30.70 17.99 12.36
N ASP D 207 -31.55 18.03 13.39
CA ASP D 207 -31.99 19.29 14.00
C ASP D 207 -31.06 19.80 15.12
N ARG D 208 -30.15 20.70 14.73
CA ARG D 208 -29.11 21.23 15.61
C ARG D 208 -29.51 22.52 16.34
N ASN D 209 -30.75 22.98 16.12
CA ASN D 209 -31.30 24.12 16.86
C ASN D 209 -30.86 24.15 18.32
N PRO D 210 -30.11 25.21 18.71
CA PRO D 210 -29.62 25.26 20.04
C PRO D 210 -30.71 25.46 21.11
N LEU D 211 -31.94 25.70 20.72
CA LEU D 211 -33.06 25.58 21.65
C LEU D 211 -33.07 24.28 22.42
N HIS D 212 -32.52 23.22 21.84
CA HIS D 212 -32.59 21.87 22.47
C HIS D 212 -31.32 21.40 23.17
N SER D 213 -30.24 22.13 22.98
CA SER D 213 -28.93 21.63 23.38
C SER D 213 -28.08 22.61 24.17
N ASP D 214 -28.41 23.90 24.13
CA ASP D 214 -27.57 24.95 24.76
C ASP D 214 -28.34 25.70 25.84
N PRO D 215 -27.96 25.52 27.10
CA PRO D 215 -28.67 26.21 28.17
C PRO D 215 -28.70 27.72 28.05
N TRP D 216 -27.66 28.28 27.49
CA TRP D 216 -27.58 29.72 27.28
C TRP D 216 -28.65 30.23 26.29
N PHE D 217 -28.72 29.66 25.09
CA PHE D 217 -29.79 30.02 24.14
C PHE D 217 -31.16 29.83 24.78
N ALA D 218 -31.37 28.71 25.49
CA ALA D 218 -32.71 28.35 25.90
C ALA D 218 -33.18 29.29 26.99
N THR D 219 -32.28 29.67 27.90
CA THR D 219 -32.58 30.58 29.00
C THR D 219 -32.42 32.09 28.71
N GLN D 220 -31.46 32.51 27.92
CA GLN D 220 -31.17 33.94 27.74
C GLN D 220 -31.80 34.55 26.48
N LEU D 221 -32.24 33.71 25.54
CA LEU D 221 -32.94 34.21 24.38
C LEU D 221 -34.36 33.65 24.22
N ALA D 222 -34.58 32.38 24.55
CA ALA D 222 -35.81 31.69 24.18
C ALA D 222 -36.79 31.64 25.34
N GLY D 223 -36.37 32.09 26.52
CA GLY D 223 -37.32 32.20 27.63
C GLY D 223 -37.73 30.95 28.38
N PHE D 224 -36.94 29.88 28.29
CA PHE D 224 -37.20 28.59 28.98
C PHE D 224 -36.28 28.52 30.19
N PRO D 225 -36.62 27.68 31.17
CA PRO D 225 -35.69 27.47 32.26
C PRO D 225 -34.45 26.61 31.93
N LYS D 226 -34.50 25.92 30.77
CA LYS D 226 -33.43 25.05 30.31
C LYS D 226 -33.84 24.52 28.95
N PRO D 227 -32.90 23.88 28.23
CA PRO D 227 -33.26 23.39 26.93
C PRO D 227 -34.48 22.49 26.91
N ILE D 228 -35.21 22.51 25.80
CA ILE D 228 -36.43 21.74 25.68
C ILE D 228 -36.21 20.62 24.66
N LEU D 229 -36.95 19.54 24.82
CA LEU D 229 -36.84 18.44 23.91
C LEU D 229 -37.42 18.87 22.59
N HIS D 230 -36.85 18.37 21.50
CA HIS D 230 -37.40 18.58 20.18
C HIS D 230 -38.85 18.07 20.21
N GLY D 231 -39.78 18.88 19.74
CA GLY D 231 -41.14 18.42 19.57
C GLY D 231 -41.19 17.19 18.71
N LEU D 232 -40.38 17.13 17.65
CA LEU D 232 -40.43 15.96 16.80
C LEU D 232 -39.89 14.75 17.52
N CYS D 233 -39.04 14.94 18.53
CA CYS D 233 -38.65 13.83 19.36
C CYS D 233 -39.84 13.32 20.14
N THR D 234 -40.53 14.21 20.85
CA THR D 234 -41.75 13.83 21.56
C THR D 234 -42.73 13.07 20.64
N TYR D 235 -42.91 13.58 19.43
CA TYR D 235 -43.76 12.95 18.42
C TYR D 235 -43.30 11.50 18.14
N GLY D 236 -41.99 11.32 18.13
CA GLY D 236 -41.42 9.99 17.89
C GLY D 236 -41.62 9.03 19.05
N VAL D 237 -41.65 9.54 20.27
CA VAL D 237 -41.90 8.70 21.41
C VAL D 237 -43.34 8.19 21.34
N ALA D 238 -44.28 9.09 21.10
CA ALA D 238 -45.69 8.70 20.95
C ALA D 238 -45.81 7.71 19.83
N GLY D 239 -45.05 7.93 18.76
CA GLY D 239 -45.10 7.01 17.64
C GLY D 239 -44.68 5.62 18.06
N ARG D 240 -43.73 5.50 19.01
CA ARG D 240 -43.40 4.19 19.57
C ARG D 240 -44.56 3.61 20.36
N ALA D 241 -45.21 4.44 21.15
CA ALA D 241 -46.32 3.97 21.96
C ALA D 241 -47.37 3.39 21.01
N LEU D 242 -47.59 4.09 19.89
CA LEU D 242 -48.61 3.69 18.93
C LEU D 242 -48.31 2.36 18.26
N VAL D 243 -47.06 2.19 17.83
CA VAL D 243 -46.61 0.94 17.19
C VAL D 243 -46.80 -0.18 18.17
N ALA D 244 -46.49 0.05 19.43
CA ALA D 244 -46.62 -0.99 20.43
C ALA D 244 -48.11 -1.40 20.65
N GLU D 245 -48.97 -0.40 20.88
CA GLU D 245 -50.34 -0.65 21.27
C GLU D 245 -51.21 -1.09 20.13
N LEU D 246 -51.10 -0.38 19.02
CA LEU D 246 -51.98 -0.57 17.90
C LEU D 246 -51.34 -1.38 16.82
N GLY D 247 -50.01 -1.37 16.78
CA GLY D 247 -49.28 -1.98 15.67
C GLY D 247 -48.89 -3.40 15.94
N GLY D 248 -49.10 -3.83 17.17
CA GLY D 248 -48.59 -5.14 17.60
C GLY D 248 -47.06 -5.21 17.47
N GLY D 249 -46.36 -4.09 17.71
CA GLY D 249 -44.89 -4.06 17.58
C GLY D 249 -44.38 -3.99 16.13
N VAL D 250 -45.26 -4.22 15.14
CA VAL D 250 -44.85 -4.14 13.72
C VAL D 250 -45.03 -2.71 13.26
N ALA D 251 -43.91 -2.03 13.03
CA ALA D 251 -43.92 -0.60 12.70
C ALA D 251 -44.72 -0.27 11.44
N ALA D 252 -44.60 -1.08 10.41
CA ALA D 252 -45.25 -0.76 9.14
C ALA D 252 -46.78 -0.71 9.27
N ASN D 253 -47.33 -1.34 10.30
CA ASN D 253 -48.78 -1.33 10.49
C ASN D 253 -49.35 0.03 10.91
N ILE D 254 -48.50 0.99 11.30
CA ILE D 254 -48.98 2.35 11.50
C ILE D 254 -48.89 3.11 10.19
N THR D 255 -50.04 3.48 9.62
CA THR D 255 -50.11 4.14 8.32
C THR D 255 -50.00 5.64 8.37
N SER D 256 -50.64 6.26 9.35
CA SER D 256 -50.57 7.70 9.46
C SER D 256 -50.62 8.13 10.89
N ILE D 257 -49.90 9.23 11.19
CA ILE D 257 -49.90 9.82 12.53
C ILE D 257 -49.89 11.35 12.42
N ALA D 258 -50.79 12.01 13.14
CA ALA D 258 -50.79 13.47 13.21
C ALA D 258 -51.03 13.88 14.63
N ALA D 259 -50.46 15.01 15.00
CA ALA D 259 -50.67 15.53 16.32
C ALA D 259 -50.24 16.98 16.35
N ARG D 260 -50.71 17.68 17.37
CA ARG D 260 -50.50 19.10 17.53
C ARG D 260 -49.65 19.29 18.80
N PHE D 261 -48.65 20.16 18.71
CA PHE D 261 -47.71 20.37 19.79
C PHE D 261 -48.22 21.42 20.71
N THR D 262 -48.57 21.05 21.95
CA THR D 262 -49.23 22.02 22.81
C THR D 262 -48.39 22.68 23.88
N LYS D 263 -47.41 21.96 24.42
CA LYS D 263 -46.57 22.47 25.50
C LYS D 263 -45.22 21.75 25.47
N PRO D 264 -44.17 22.41 26.00
CA PRO D 264 -42.82 21.87 25.87
C PRO D 264 -42.59 20.69 26.79
N VAL D 265 -41.61 19.86 26.40
CA VAL D 265 -41.16 18.73 27.19
C VAL D 265 -39.68 18.96 27.46
N PHE D 266 -39.23 18.57 28.64
CA PHE D 266 -37.84 18.68 29.03
C PHE D 266 -37.22 17.29 29.03
N PRO D 267 -36.03 17.12 28.45
CA PRO D 267 -35.45 15.76 28.48
C PRO D 267 -35.29 15.29 29.91
N GLY D 268 -35.54 14.00 30.12
CA GLY D 268 -35.67 13.42 31.47
C GLY D 268 -37.12 13.18 31.85
N GLU D 269 -38.05 13.93 31.25
CA GLU D 269 -39.47 13.73 31.62
C GLU D 269 -40.01 12.47 30.98
N THR D 270 -40.94 11.82 31.66
CA THR D 270 -41.61 10.63 31.16
C THR D 270 -42.87 11.04 30.41
N LEU D 271 -43.01 10.46 29.24
CA LEU D 271 -44.09 10.73 28.32
C LEU D 271 -45.12 9.61 28.34
N SER D 272 -46.36 10.02 28.56
CA SER D 272 -47.45 9.13 28.69
C SER D 272 -48.41 9.35 27.53
N THR D 273 -48.55 8.32 26.72
CA THR D 273 -49.43 8.34 25.57
C THR D 273 -50.75 7.62 25.88
N VAL D 274 -51.81 8.38 25.84
CA VAL D 274 -53.15 7.87 26.14
C VAL D 274 -53.87 7.67 24.84
N ILE D 275 -54.36 6.46 24.61
CA ILE D 275 -54.90 6.07 23.32
C ILE D 275 -56.38 5.58 23.35
N TRP D 276 -57.15 5.95 22.32
CA TRP D 276 -58.52 5.49 22.18
C TRP D 276 -58.73 4.86 20.80
N ARG D 277 -59.11 3.59 20.78
CA ARG D 277 -59.52 2.94 19.53
CA ARG D 277 -59.51 2.95 19.53
C ARG D 277 -60.93 3.42 19.21
N THR D 278 -61.10 3.99 18.03
CA THR D 278 -62.42 4.49 17.60
C THR D 278 -63.03 3.57 16.52
N GLU D 279 -63.12 4.03 15.28
CA GLU D 279 -63.50 3.14 14.16
C GLU D 279 -62.43 2.04 14.04
N PRO D 280 -62.71 1.02 13.22
CA PRO D 280 -61.68 0.05 12.93
C PRO D 280 -60.49 0.69 12.22
N GLY D 281 -59.29 0.42 12.72
CA GLY D 281 -58.09 0.94 12.11
C GLY D 281 -57.93 2.43 12.28
N ARG D 282 -58.61 2.97 13.29
CA ARG D 282 -58.53 4.39 13.58
C ARG D 282 -58.36 4.53 15.06
N ALA D 283 -57.63 5.56 15.46
CA ALA D 283 -57.43 5.85 16.86
C ALA D 283 -57.27 7.33 17.03
N VAL D 284 -57.50 7.80 18.26
CA VAL D 284 -57.09 9.13 18.62
C VAL D 284 -56.21 9.03 19.85
N PHE D 285 -55.36 10.05 20.05
CA PHE D 285 -54.44 10.08 21.20
C PHE D 285 -54.01 11.46 21.66
N ARG D 286 -53.57 11.55 22.90
CA ARG D 286 -52.77 12.67 23.40
C ARG D 286 -51.51 12.09 24.04
N THR D 287 -50.50 12.94 24.28
CA THR D 287 -49.37 12.60 25.08
C THR D 287 -49.22 13.62 26.18
N GLU D 288 -48.82 13.14 27.35
CA GLU D 288 -48.76 13.94 28.58
C GLU D 288 -47.52 13.69 29.41
N VAL D 289 -47.25 14.65 30.27
CA VAL D 289 -46.29 14.48 31.36
C VAL D 289 -47.08 14.50 32.67
N ALA D 290 -47.00 13.42 33.43
CA ALA D 290 -47.62 13.39 34.76
C ALA D 290 -47.17 14.62 35.54
N GLY D 291 -48.13 15.32 36.12
CA GLY D 291 -47.81 16.53 36.88
C GLY D 291 -47.14 16.20 38.21
N SER D 292 -46.52 17.23 38.81
CA SER D 292 -45.78 17.09 40.08
C SER D 292 -46.64 17.36 41.34
N ALA D 295 -50.43 18.12 41.50
CA ALA D 295 -50.69 18.91 40.29
C ALA D 295 -51.07 17.99 39.13
N GLU D 296 -51.71 18.58 38.12
CA GLU D 296 -52.31 17.78 37.04
C GLU D 296 -51.42 17.71 35.79
N ALA D 297 -51.73 16.73 34.95
CA ALA D 297 -50.97 16.40 33.75
C ALA D 297 -50.86 17.62 32.85
N ARG D 298 -49.72 17.71 32.16
CA ARG D 298 -49.46 18.74 31.16
C ARG D 298 -49.55 18.03 29.83
N VAL D 299 -50.52 18.41 29.02
CA VAL D 299 -50.70 17.83 27.72
C VAL D 299 -49.67 18.47 26.80
N VAL D 300 -48.88 17.61 26.13
CA VAL D 300 -47.78 18.10 25.33
C VAL D 300 -47.99 17.79 23.88
N LEU D 301 -48.70 16.69 23.60
CA LEU D 301 -49.25 16.44 22.28
C LEU D 301 -50.75 16.29 22.38
N ASP D 302 -51.46 17.04 21.54
CA ASP D 302 -52.92 16.97 21.50
C ASP D 302 -53.43 16.72 20.08
N ASP D 303 -54.74 16.46 20.02
CA ASP D 303 -55.43 16.18 18.75
C ASP D 303 -54.73 15.09 17.95
N GLY D 304 -54.21 14.09 18.64
CA GLY D 304 -53.56 12.99 17.94
C GLY D 304 -54.56 12.15 17.15
N ALA D 305 -54.18 11.78 15.93
CA ALA D 305 -55.02 10.91 15.08
C ALA D 305 -54.18 9.87 14.38
N VAL D 306 -54.62 8.62 14.39
CA VAL D 306 -53.85 7.51 13.84
C VAL D 306 -54.64 6.64 12.91
N GLU D 307 -53.98 6.16 11.87
CA GLU D 307 -54.54 5.13 10.99
C GLU D 307 -53.59 3.97 10.97
N TYR D 308 -54.15 2.77 11.11
CA TYR D 308 -53.34 1.59 11.23
C TYR D 308 -54.06 0.37 10.68
N VAL D 309 -53.28 -0.66 10.37
CA VAL D 309 -53.77 -1.91 9.79
C VAL D 309 -53.74 -3.00 10.87
N ALA D 310 -54.71 -3.91 10.75
CA ALA D 310 -54.83 -5.13 11.55
C ALA D 310 -53.80 -6.20 11.11
CL CL E . 20.13 -1.20 -17.28
CL CL F . 31.82 -19.65 -14.07
O1 TLA G . -14.76 -7.63 17.38
O11 TLA G . -14.10 -8.89 18.78
C1 TLA G . -14.23 -7.67 18.53
C2 TLA G . -13.90 -6.62 19.71
O2 TLA G . -14.45 -7.12 21.01
C3 TLA G . -14.51 -5.22 19.78
O3 TLA G . -15.79 -5.78 19.46
C4 TLA G . -14.54 -4.34 21.15
O4 TLA G . -14.18 -3.10 21.32
O41 TLA G . -15.06 -4.79 22.23
CL CL H . -22.04 2.59 12.35
CL CL I . -21.88 14.59 31.03
CL CL J . 18.41 -11.87 -25.55
CL CL K . -26.84 15.46 12.34
CL CL L . -39.35 22.08 18.56
#